data_6P40
#
_entry.id   6P40
#
_cell.length_a   62.067
_cell.length_b   86.423
_cell.length_c   90.158
_cell.angle_alpha   90.000
_cell.angle_beta   101.380
_cell.angle_gamma   90.000
#
_symmetry.space_group_name_H-M   'P 1 21 1'
#
loop_
_entity.id
_entity.type
_entity.pdbx_description
1 polymer 'Apolipoprotein B mRNA editing enzyme, catalytic peptide-like 3G'
2 non-polymer 'ZINC ION'
3 water water
#
_entity_poly.entity_id   1
_entity_poly.type   'polypeptide(L)'
_entity_poly.pdbx_seq_one_letter_code
;GPGGSGGMKPQIRNMVEPMDPRTFVSNFNNRPILSGLDTVWLCCEVKTKDPSGPPLDAKIFQGKVYPKAKYHPEMRFLRW
FHKWRQLHHDQEYKVTWYVSWSPCTRCANSVATFLAKDPKVTLTIFVARLYYYWDPDYQQALRILAEAGATMKIMNYNEF
QDCWNKFVDGRGKPFKPWNNLPSHYTSLQATLGELLRHLMDPGTFTSNFNNKPWVSGQHETYLCYKVERLHNDTWVPLNQ
HRGFLRNQAGRHAALCFLDLIPFWKLDGQQYRVTCFTSWSPCFSCAQEMAKFISNNEHVSLCIFAARIYDDQGRYQEGLR
TLHRDGAKIAMMNYSEFEYCWDTFVDRQGRPFQPWDGLDEHSQALSGRLRAILQNQGN
;
_entity_poly.pdbx_strand_id   A,B
#
loop_
_chem_comp.id
_chem_comp.type
_chem_comp.name
_chem_comp.formula
ZN non-polymer 'ZINC ION' 'Zn 2'
#
# COMPACT_ATOMS: atom_id res chain seq x y z
N ASN A 14 -33.33 39.85 -6.89
CA ASN A 14 -32.52 38.67 -6.60
C ASN A 14 -31.64 38.62 -5.37
N MET A 15 -30.39 38.25 -5.61
CA MET A 15 -29.49 38.03 -4.50
C MET A 15 -28.69 39.30 -4.19
N VAL A 16 -28.25 39.36 -2.93
CA VAL A 16 -27.59 40.55 -2.38
C VAL A 16 -26.15 40.73 -2.94
N GLU A 17 -25.39 39.64 -3.13
CA GLU A 17 -24.07 39.71 -3.78
C GLU A 17 -23.90 38.70 -4.92
N PRO A 18 -24.14 39.11 -6.15
CA PRO A 18 -23.94 38.22 -7.27
C PRO A 18 -22.47 38.12 -7.60
N MET A 19 -22.15 37.03 -8.29
CA MET A 19 -20.83 36.80 -8.84
C MET A 19 -20.64 37.66 -10.11
N ASP A 20 -19.45 38.14 -10.30
CA ASP A 20 -19.05 38.92 -11.48
C ASP A 20 -18.86 37.99 -12.68
N PRO A 21 -19.34 38.37 -13.89
CA PRO A 21 -19.22 37.47 -15.05
C PRO A 21 -17.82 36.93 -15.31
N ARG A 22 -16.76 37.72 -15.07
CA ARG A 22 -15.42 37.21 -15.30
C ARG A 22 -15.06 36.11 -14.29
N THR A 23 -15.53 36.28 -13.04
CA THR A 23 -15.34 35.24 -12.03
C THR A 23 -15.97 33.92 -12.48
N PHE A 24 -17.25 33.98 -12.90
CA PHE A 24 -17.93 32.81 -13.43
C PHE A 24 -17.13 32.19 -14.57
N VAL A 25 -16.67 33.02 -15.52
CA VAL A 25 -16.03 32.50 -16.73
C VAL A 25 -14.76 31.73 -16.38
N SER A 26 -13.93 32.28 -15.50
CA SER A 26 -12.68 31.61 -15.15
C SER A 26 -12.89 30.42 -14.22
N ASN A 27 -13.95 30.39 -13.45
CA ASN A 27 -14.11 29.34 -12.44
C ASN A 27 -15.17 28.29 -12.79
N PHE A 28 -16.27 28.67 -13.40
CA PHE A 28 -17.31 27.72 -13.79
C PHE A 28 -17.12 27.44 -15.27
N ASN A 29 -16.24 26.50 -15.55
CA ASN A 29 -15.82 26.11 -16.87
C ASN A 29 -15.36 24.67 -16.70
N ASN A 30 -15.29 23.91 -17.79
CA ASN A 30 -14.92 22.51 -17.63
C ASN A 30 -13.82 22.07 -18.60
N ARG A 31 -13.12 23.01 -19.22
CA ARG A 31 -11.98 22.64 -20.02
C ARG A 31 -10.82 22.23 -19.13
N PRO A 32 -9.98 21.28 -19.57
CA PRO A 32 -8.86 20.84 -18.74
C PRO A 32 -7.83 21.94 -18.57
N ILE A 33 -7.30 22.09 -17.35
CA ILE A 33 -6.21 23.02 -17.08
C ILE A 33 -5.18 22.36 -16.17
N LEU A 34 -4.02 22.99 -16.09
CA LEU A 34 -2.85 22.42 -15.44
C LEU A 34 -2.38 23.27 -14.26
N SER A 35 -3.10 24.33 -13.92
CA SER A 35 -2.63 25.20 -12.87
C SER A 35 -3.03 24.62 -11.52
N GLY A 36 -2.35 25.08 -10.47
CA GLY A 36 -2.75 24.74 -9.12
C GLY A 36 -4.03 25.45 -8.70
N LEU A 37 -4.63 24.98 -7.60
CA LEU A 37 -5.85 25.63 -7.13
C LEU A 37 -5.53 26.87 -6.28
N ASP A 38 -6.41 27.87 -6.35
CA ASP A 38 -6.32 29.04 -5.48
C ASP A 38 -7.60 29.23 -4.65
N THR A 39 -8.65 29.72 -5.29
CA THR A 39 -9.93 29.96 -4.64
C THR A 39 -10.96 29.06 -5.30
N VAL A 40 -11.88 28.54 -4.49
CA VAL A 40 -12.99 27.73 -4.97
C VAL A 40 -14.29 28.41 -4.57
N TRP A 41 -15.29 28.25 -5.43
CA TRP A 41 -16.58 28.91 -5.32
C TRP A 41 -17.69 27.88 -5.13
N LEU A 42 -18.66 28.23 -4.30
CA LEU A 42 -19.82 27.38 -4.01
C LEU A 42 -21.07 28.25 -4.08
N CYS A 43 -21.90 28.02 -5.09
CA CYS A 43 -23.22 28.64 -5.16
C CYS A 43 -24.23 27.69 -4.56
N CYS A 44 -24.97 28.17 -3.59
CA CYS A 44 -25.81 27.36 -2.74
C CYS A 44 -27.25 27.82 -2.86
N GLU A 45 -28.15 26.86 -3.02
CA GLU A 45 -29.57 27.16 -3.05
C GLU A 45 -30.32 26.19 -2.15
N VAL A 46 -31.10 26.74 -1.22
CA VAL A 46 -31.89 26.00 -0.25
C VAL A 46 -33.36 26.09 -0.64
N LYS A 47 -34.00 24.92 -0.81
CA LYS A 47 -35.42 24.78 -1.11
C LYS A 47 -36.08 23.82 -0.12
N THR A 48 -37.41 23.83 -0.09
CA THR A 48 -38.14 22.87 0.73
C THR A 48 -38.14 21.53 -0.01
N LYS A 49 -38.87 20.55 0.52
CA LYS A 49 -38.98 19.26 -0.14
C LYS A 49 -39.78 19.38 -1.44
N ASP A 50 -40.58 20.43 -1.55
CA ASP A 50 -41.44 20.69 -2.69
C ASP A 50 -40.63 21.28 -3.83
N PRO A 51 -40.48 20.59 -4.96
CA PRO A 51 -39.73 21.18 -6.09
C PRO A 51 -40.40 22.43 -6.65
N SER A 52 -41.70 22.56 -6.38
CA SER A 52 -42.46 23.61 -7.02
C SER A 52 -42.64 24.80 -6.09
N GLY A 53 -42.10 24.70 -4.86
CA GLY A 53 -41.87 25.83 -3.99
C GLY A 53 -40.75 26.75 -4.43
N PRO A 54 -40.85 28.01 -4.06
CA PRO A 54 -39.78 28.96 -4.36
C PRO A 54 -38.54 28.65 -3.55
N PRO A 55 -37.35 29.06 -4.01
CA PRO A 55 -36.15 28.83 -3.20
C PRO A 55 -36.16 29.72 -1.98
N LEU A 56 -35.93 29.10 -0.82
CA LEU A 56 -35.96 29.86 0.42
C LEU A 56 -34.72 30.72 0.56
N ASP A 57 -33.57 30.23 0.10
CA ASP A 57 -32.43 31.13 0.16
C ASP A 57 -31.37 30.68 -0.84
N ALA A 58 -30.41 31.57 -1.07
CA ALA A 58 -29.30 31.31 -1.98
C ALA A 58 -28.13 32.16 -1.54
N LYS A 59 -26.94 31.56 -1.50
CA LYS A 59 -25.76 32.28 -1.01
C LYS A 59 -24.54 31.80 -1.79
N ILE A 60 -23.59 32.70 -2.00
CA ILE A 60 -22.31 32.35 -2.59
C ILE A 60 -21.24 32.30 -1.52
N PHE A 61 -20.43 31.25 -1.54
CA PHE A 61 -19.27 31.11 -0.67
C PHE A 61 -18.02 30.97 -1.50
N GLN A 62 -16.93 31.58 -1.03
CA GLN A 62 -15.65 31.41 -1.65
C GLN A 62 -14.64 31.10 -0.55
N GLY A 63 -13.63 30.32 -0.91
CA GLY A 63 -12.63 29.95 0.07
C GLY A 63 -11.31 29.65 -0.59
N LYS A 64 -10.23 29.97 0.11
CA LYS A 64 -8.89 29.65 -0.39
C LYS A 64 -8.58 28.19 -0.07
N VAL A 65 -8.12 27.46 -1.07
CA VAL A 65 -7.83 26.04 -0.89
C VAL A 65 -6.71 25.85 0.13
N TYR A 66 -5.64 26.64 0.04
CA TYR A 66 -4.52 26.54 0.95
C TYR A 66 -4.46 27.78 1.84
N PRO A 67 -3.99 27.66 3.09
CA PRO A 67 -3.47 26.42 3.69
C PRO A 67 -4.35 25.67 4.70
N LYS A 68 -5.58 26.11 5.02
CA LYS A 68 -6.36 25.40 6.04
C LYS A 68 -7.78 25.15 5.54
N ALA A 69 -8.23 23.89 5.66
CA ALA A 69 -9.52 23.49 5.15
C ALA A 69 -10.67 24.10 5.95
N LYS A 70 -10.38 24.66 7.14
CA LYS A 70 -11.43 25.35 7.89
C LYS A 70 -12.10 26.43 7.08
N TYR A 71 -11.40 27.02 6.09
CA TYR A 71 -11.91 28.13 5.30
C TYR A 71 -12.38 27.74 3.91
N HIS A 72 -12.37 26.46 3.58
CA HIS A 72 -12.97 26.01 2.32
C HIS A 72 -14.46 26.34 2.32
N PRO A 73 -15.04 26.62 1.15
CA PRO A 73 -16.45 27.06 1.09
C PRO A 73 -17.43 26.04 1.63
N GLU A 74 -17.15 24.74 1.52
CA GLU A 74 -18.07 23.76 2.10
C GLU A 74 -18.16 23.92 3.62
N MET A 75 -17.03 24.23 4.26
CA MET A 75 -17.07 24.46 5.71
C MET A 75 -17.78 25.76 6.06
N ARG A 76 -17.55 26.82 5.27
CA ARG A 76 -18.26 28.07 5.52
C ARG A 76 -19.76 27.85 5.38
N PHE A 77 -20.15 27.04 4.40
CA PHE A 77 -21.54 26.67 4.24
C PHE A 77 -22.07 25.90 5.46
N LEU A 78 -21.33 24.92 5.96
CA LEU A 78 -21.81 24.18 7.13
C LEU A 78 -22.03 25.11 8.32
N ARG A 79 -21.06 25.99 8.59
CA ARG A 79 -21.20 26.92 9.71
C ARG A 79 -22.38 27.88 9.49
N TRP A 80 -22.56 28.34 8.26
CA TRP A 80 -23.67 29.23 7.95
C TRP A 80 -25.00 28.52 8.09
N PHE A 81 -25.11 27.33 7.50
CA PHE A 81 -26.36 26.59 7.48
C PHE A 81 -26.76 26.16 8.88
N HIS A 82 -25.79 25.83 9.74
CA HIS A 82 -26.16 25.46 11.10
C HIS A 82 -26.89 26.60 11.78
N LYS A 83 -26.43 27.85 11.59
CA LYS A 83 -27.10 29.01 12.19
C LYS A 83 -28.41 29.31 11.47
N TRP A 84 -28.45 29.09 10.17
CA TRP A 84 -29.61 29.43 9.36
C TRP A 84 -30.81 28.58 9.74
N ARG A 85 -30.58 27.29 9.92
CA ARG A 85 -31.70 26.43 10.21
C ARG A 85 -32.25 26.63 11.62
N GLN A 86 -31.47 27.18 12.57
CA GLN A 86 -32.03 27.50 13.89
C GLN A 86 -33.07 28.62 13.74
N LEU A 87 -32.95 29.48 12.72
CA LEU A 87 -33.83 30.64 12.48
C LEU A 87 -34.98 30.38 11.48
N HIS A 88 -35.24 29.12 11.10
CA HIS A 88 -36.28 28.78 10.15
C HIS A 88 -37.07 27.58 10.66
N HIS A 89 -38.03 27.15 9.85
CA HIS A 89 -38.96 26.12 10.30
C HIS A 89 -38.30 24.75 10.35
N ASP A 90 -38.66 23.97 11.36
CA ASP A 90 -38.13 22.62 11.51
C ASP A 90 -38.85 21.73 10.50
N GLN A 91 -38.30 21.68 9.28
CA GLN A 91 -38.87 20.91 8.18
C GLN A 91 -37.72 20.32 7.37
N GLU A 92 -38.07 19.57 6.32
CA GLU A 92 -37.11 18.94 5.43
C GLU A 92 -36.66 19.89 4.32
N TYR A 93 -35.37 19.83 3.97
CA TYR A 93 -34.75 20.73 3.02
C TYR A 93 -33.99 19.99 1.94
N LYS A 94 -34.06 20.51 0.72
CA LYS A 94 -33.23 20.03 -0.38
C LYS A 94 -32.25 21.14 -0.76
N VAL A 95 -30.96 20.84 -0.58
CA VAL A 95 -29.87 21.77 -0.78
C VAL A 95 -29.21 21.42 -2.10
N THR A 96 -28.87 22.45 -2.88
CA THR A 96 -28.17 22.28 -4.14
C THR A 96 -26.93 23.15 -4.12
N TRP A 97 -25.81 22.55 -4.49
CA TRP A 97 -24.53 23.25 -4.64
C TRP A 97 -24.12 23.22 -6.09
N TYR A 98 -23.67 24.36 -6.61
CA TYR A 98 -22.82 24.42 -7.79
C TYR A 98 -21.44 24.80 -7.29
N VAL A 99 -20.48 23.91 -7.47
CA VAL A 99 -19.15 24.13 -6.93
C VAL A 99 -18.14 24.03 -8.07
N SER A 100 -17.13 24.90 -8.06
CA SER A 100 -16.24 24.99 -9.21
C SER A 100 -15.29 23.80 -9.28
N TRP A 101 -14.99 23.16 -8.15
CA TRP A 101 -14.15 21.96 -8.09
C TRP A 101 -14.71 21.02 -7.03
N SER A 102 -14.49 19.72 -7.21
CA SER A 102 -14.93 18.72 -6.24
C SER A 102 -14.22 18.93 -4.89
N PRO A 103 -14.88 18.61 -3.78
CA PRO A 103 -14.32 18.93 -2.46
C PRO A 103 -13.13 18.06 -2.11
N CYS A 104 -12.30 18.58 -1.22
CA CYS A 104 -11.22 17.82 -0.65
C CYS A 104 -11.75 16.74 0.29
N THR A 105 -10.86 15.81 0.65
CA THR A 105 -11.20 14.71 1.55
C THR A 105 -11.80 15.22 2.85
N ARG A 106 -11.14 16.19 3.48
CA ARG A 106 -11.60 16.71 4.76
C ARG A 106 -13.03 17.24 4.67
N CYS A 107 -13.33 17.99 3.60
CA CYS A 107 -14.65 18.55 3.44
C CYS A 107 -15.67 17.48 3.07
N ALA A 108 -15.25 16.50 2.27
CA ALA A 108 -16.14 15.40 1.95
C ALA A 108 -16.55 14.65 3.21
N ASN A 109 -15.60 14.41 4.11
CA ASN A 109 -15.95 13.68 5.31
C ASN A 109 -16.80 14.53 6.27
N SER A 110 -16.51 15.84 6.35
CA SER A 110 -17.34 16.70 7.21
C SER A 110 -18.76 16.77 6.70
N VAL A 111 -18.94 16.84 5.38
CA VAL A 111 -20.28 16.88 4.82
C VAL A 111 -20.97 15.53 5.03
N ALA A 112 -20.26 14.42 4.83
CA ALA A 112 -20.86 13.12 5.07
C ALA A 112 -21.34 13.00 6.51
N THR A 113 -20.52 13.44 7.48
CA THR A 113 -20.92 13.37 8.88
C THR A 113 -22.15 14.24 9.16
N PHE A 114 -22.15 15.45 8.60
CA PHE A 114 -23.32 16.32 8.75
C PHE A 114 -24.58 15.67 8.19
N LEU A 115 -24.48 15.09 6.98
CA LEU A 115 -25.63 14.45 6.36
C LEU A 115 -26.11 13.27 7.18
N ALA A 116 -25.17 12.47 7.72
CA ALA A 116 -25.55 11.29 8.48
C ALA A 116 -26.23 11.67 9.78
N LYS A 117 -25.77 12.73 10.43
CA LYS A 117 -26.35 13.06 11.72
C LYS A 117 -27.64 13.89 11.59
N ASP A 118 -28.02 14.27 10.37
CA ASP A 118 -29.19 15.13 10.13
C ASP A 118 -30.00 14.65 8.94
N PRO A 119 -30.91 13.69 9.14
CA PRO A 119 -31.60 13.09 8.00
C PRO A 119 -32.59 14.00 7.30
N LYS A 120 -32.95 15.15 7.88
CA LYS A 120 -33.98 16.01 7.30
C LYS A 120 -33.45 16.91 6.19
N VAL A 121 -32.17 16.79 5.85
CA VAL A 121 -31.54 17.58 4.80
C VAL A 121 -30.98 16.64 3.75
N THR A 122 -31.21 16.96 2.48
CA THR A 122 -30.63 16.17 1.41
C THR A 122 -29.88 17.11 0.49
N LEU A 123 -28.71 16.66 0.03
CA LEU A 123 -27.78 17.49 -0.70
C LEU A 123 -27.52 16.93 -2.09
N THR A 124 -27.59 17.82 -3.08
CA THR A 124 -27.15 17.53 -4.44
C THR A 124 -25.96 18.44 -4.77
N ILE A 125 -24.89 17.87 -5.29
CA ILE A 125 -23.65 18.60 -5.55
C ILE A 125 -23.33 18.48 -7.04
N PHE A 126 -23.43 19.59 -7.76
CA PHE A 126 -22.97 19.68 -9.13
C PHE A 126 -21.57 20.29 -9.14
N VAL A 127 -20.62 19.62 -9.80
CA VAL A 127 -19.26 20.12 -9.83
C VAL A 127 -18.89 20.48 -11.27
N ALA A 128 -18.22 21.61 -11.42
CA ALA A 128 -17.79 22.00 -12.75
C ALA A 128 -16.64 21.10 -13.22
N ARG A 129 -15.60 20.92 -12.39
CA ARG A 129 -14.49 20.06 -12.74
C ARG A 129 -14.06 19.25 -11.52
N LEU A 130 -13.49 18.07 -11.77
CA LEU A 130 -12.94 17.24 -10.71
C LEU A 130 -11.51 17.66 -10.37
N TYR A 131 -11.21 17.71 -9.08
CA TYR A 131 -9.85 17.91 -8.61
C TYR A 131 -9.50 16.83 -7.60
N TYR A 132 -8.23 16.40 -7.60
CA TYR A 132 -7.85 15.20 -6.87
C TYR A 132 -6.85 15.45 -5.75
N TYR A 133 -6.24 16.64 -5.68
CA TYR A 133 -5.50 17.11 -4.49
C TYR A 133 -4.30 16.24 -4.13
N TRP A 134 -3.79 15.45 -5.08
CA TRP A 134 -2.71 14.52 -4.81
C TRP A 134 -3.08 13.57 -3.66
N ASP A 135 -4.34 13.18 -3.61
CA ASP A 135 -4.82 12.37 -2.50
C ASP A 135 -4.96 10.93 -2.94
N PRO A 136 -4.18 10.00 -2.38
CA PRO A 136 -4.33 8.59 -2.78
C PRO A 136 -5.69 8.03 -2.46
N ASP A 137 -6.44 8.67 -1.56
CA ASP A 137 -7.75 8.19 -1.15
C ASP A 137 -8.88 9.10 -1.62
N TYR A 138 -8.67 9.79 -2.75
CA TYR A 138 -9.70 10.71 -3.23
C TYR A 138 -10.97 9.96 -3.59
N GLN A 139 -10.83 8.79 -4.24
CA GLN A 139 -12.01 7.98 -4.58
C GLN A 139 -12.85 7.67 -3.34
N GLN A 140 -12.22 7.31 -2.23
CA GLN A 140 -13.03 6.99 -1.05
C GLN A 140 -13.72 8.20 -0.48
N ALA A 141 -13.11 9.37 -0.63
CA ALA A 141 -13.80 10.54 -0.13
C ALA A 141 -15.10 10.76 -0.91
N LEU A 142 -15.02 10.68 -2.24
CA LEU A 142 -16.26 10.77 -3.00
C LEU A 142 -17.23 9.66 -2.62
N ARG A 143 -16.73 8.44 -2.39
CA ARG A 143 -17.64 7.32 -2.12
C ARG A 143 -18.31 7.44 -0.75
N ILE A 144 -17.62 7.98 0.25
CA ILE A 144 -18.26 8.17 1.53
C ILE A 144 -19.30 9.28 1.43
N LEU A 145 -19.06 10.30 0.59
CA LEU A 145 -20.10 11.29 0.34
C LEU A 145 -21.34 10.64 -0.23
N ALA A 146 -21.15 9.77 -1.23
CA ALA A 146 -22.30 9.08 -1.84
C ALA A 146 -23.00 8.15 -0.85
N GLU A 147 -22.26 7.50 0.05
CA GLU A 147 -22.95 6.58 0.96
C GLU A 147 -23.76 7.32 2.02
N ALA A 148 -23.36 8.54 2.36
CA ALA A 148 -24.15 9.34 3.29
C ALA A 148 -25.37 9.98 2.63
N GLY A 149 -25.60 9.68 1.36
CA GLY A 149 -26.79 10.14 0.68
C GLY A 149 -26.62 11.35 -0.23
N ALA A 150 -25.43 11.91 -0.35
CA ALA A 150 -25.27 13.05 -1.23
C ALA A 150 -25.35 12.56 -2.68
N THR A 151 -26.08 13.31 -3.50
CA THR A 151 -26.10 13.12 -4.94
C THR A 151 -25.04 14.03 -5.56
N MET A 152 -24.16 13.45 -6.38
CA MET A 152 -23.03 14.17 -6.96
C MET A 152 -23.02 13.95 -8.45
N LYS A 153 -23.11 15.05 -9.22
CA LYS A 153 -23.19 15.03 -10.68
C LYS A 153 -22.24 16.07 -11.28
N ILE A 154 -21.81 15.84 -12.52
CA ILE A 154 -21.07 16.88 -13.25
C ILE A 154 -22.06 17.92 -13.77
N MET A 155 -21.67 19.19 -13.67
CA MET A 155 -22.47 20.24 -14.29
C MET A 155 -22.51 20.05 -15.79
N ASN A 156 -23.72 20.05 -16.34
CA ASN A 156 -23.97 20.04 -17.77
C ASN A 156 -24.39 21.45 -18.21
N TYR A 157 -24.74 21.59 -19.50
CA TYR A 157 -25.13 22.88 -20.09
C TYR A 157 -26.19 23.57 -19.23
N ASN A 158 -27.24 22.83 -18.90
CA ASN A 158 -28.36 23.39 -18.13
C ASN A 158 -27.89 23.89 -16.77
N GLU A 159 -27.00 23.17 -16.11
CA GLU A 159 -26.60 23.59 -14.78
C GLU A 159 -25.71 24.84 -14.84
N PHE A 160 -24.82 24.91 -15.83
CA PHE A 160 -24.09 26.15 -16.08
C PHE A 160 -25.03 27.32 -16.34
N GLN A 161 -26.07 27.07 -17.16
CA GLN A 161 -27.03 28.13 -17.48
C GLN A 161 -27.85 28.56 -16.27
N ASP A 162 -28.29 27.60 -15.45
CA ASP A 162 -29.01 27.93 -14.23
C ASP A 162 -28.12 28.65 -13.24
N CYS A 163 -26.85 28.23 -13.15
CA CYS A 163 -25.95 28.90 -12.25
C CYS A 163 -25.71 30.34 -12.71
N TRP A 164 -25.54 30.53 -14.01
CA TRP A 164 -25.40 31.86 -14.57
C TRP A 164 -26.61 32.74 -14.28
N ASN A 165 -27.82 32.20 -14.48
CA ASN A 165 -29.02 33.01 -14.26
C ASN A 165 -29.20 33.36 -12.79
N LYS A 166 -29.07 32.39 -11.90
CA LYS A 166 -29.41 32.64 -10.50
C LYS A 166 -28.30 33.33 -9.72
N PHE A 167 -27.04 33.24 -10.17
CA PHE A 167 -25.94 33.65 -9.31
C PHE A 167 -25.00 34.68 -9.91
N VAL A 168 -25.08 34.96 -11.20
CA VAL A 168 -24.15 35.87 -11.86
C VAL A 168 -24.87 37.18 -12.16
N ASP A 169 -24.18 38.29 -11.92
CA ASP A 169 -24.62 39.62 -12.32
C ASP A 169 -24.47 39.77 -13.83
N GLY A 170 -25.38 39.13 -14.59
CA GLY A 170 -25.28 39.10 -16.03
C GLY A 170 -25.86 40.32 -16.72
N ARG A 171 -26.66 41.10 -16.00
CA ARG A 171 -27.22 42.36 -16.52
C ARG A 171 -28.06 42.11 -17.77
N GLY A 172 -28.89 41.06 -17.71
CA GLY A 172 -29.76 40.68 -18.83
C GLY A 172 -29.14 39.78 -19.88
N LYS A 173 -27.83 39.62 -19.94
CA LYS A 173 -27.24 38.78 -20.97
C LYS A 173 -27.53 37.30 -20.67
N PRO A 174 -27.67 36.47 -21.72
CA PRO A 174 -27.92 35.05 -21.50
C PRO A 174 -26.59 34.29 -21.36
N PHE A 175 -26.72 33.05 -20.90
CA PHE A 175 -25.55 32.18 -20.72
C PHE A 175 -24.96 31.84 -22.08
N LYS A 176 -23.68 32.14 -22.29
CA LYS A 176 -23.05 31.73 -23.53
C LYS A 176 -22.10 30.57 -23.28
N PRO A 177 -22.37 29.39 -23.83
CA PRO A 177 -21.47 28.26 -23.64
C PRO A 177 -20.16 28.45 -24.39
N TRP A 178 -19.16 27.68 -23.99
CA TRP A 178 -17.85 27.68 -24.61
C TRP A 178 -17.72 26.46 -25.52
N ASN A 179 -16.69 26.48 -26.35
CA ASN A 179 -16.46 25.38 -27.26
C ASN A 179 -16.08 24.13 -26.47
N ASN A 180 -16.66 22.99 -26.86
CA ASN A 180 -16.43 21.69 -26.24
C ASN A 180 -17.06 21.55 -24.86
N LEU A 181 -18.02 22.40 -24.50
CA LEU A 181 -18.75 22.15 -23.24
C LEU A 181 -19.28 20.71 -23.16
N PRO A 182 -20.02 20.19 -24.16
CA PRO A 182 -20.55 18.82 -24.02
C PRO A 182 -19.49 17.74 -23.92
N SER A 183 -18.42 17.85 -24.72
CA SER A 183 -17.43 16.79 -24.77
C SER A 183 -16.68 16.69 -23.46
N HIS A 184 -16.32 17.85 -22.89
CA HIS A 184 -15.73 17.85 -21.55
C HIS A 184 -16.73 17.32 -20.52
N TYR A 185 -17.99 17.72 -20.62
CA TYR A 185 -18.99 17.18 -19.70
C TYR A 185 -19.00 15.66 -19.74
N THR A 186 -19.05 15.10 -20.95
CA THR A 186 -19.14 13.64 -21.11
C THR A 186 -17.91 12.94 -20.53
N SER A 187 -16.73 13.46 -20.84
CA SER A 187 -15.50 12.90 -20.28
C SER A 187 -15.52 12.95 -18.75
N LEU A 188 -15.95 14.10 -18.20
CA LEU A 188 -15.95 14.26 -16.74
C LEU A 188 -16.97 13.34 -16.08
N GLN A 189 -18.16 13.21 -16.66
CA GLN A 189 -19.19 12.37 -16.07
C GLN A 189 -18.80 10.89 -16.12
N ALA A 190 -18.13 10.47 -17.19
CA ALA A 190 -17.63 9.09 -17.22
C ALA A 190 -16.61 8.85 -16.13
N THR A 191 -15.70 9.82 -15.92
CA THR A 191 -14.73 9.68 -14.84
C THR A 191 -15.43 9.60 -13.49
N LEU A 192 -16.42 10.46 -13.27
CA LEU A 192 -17.13 10.45 -12.00
C LEU A 192 -17.84 9.10 -11.80
N GLY A 193 -18.55 8.63 -12.83
CA GLY A 193 -19.17 7.32 -12.75
C GLY A 193 -18.18 6.22 -12.40
N GLU A 194 -16.97 6.33 -12.93
CA GLU A 194 -15.94 5.36 -12.58
C GLU A 194 -15.54 5.50 -11.11
N LEU A 195 -15.50 6.72 -10.58
CA LEU A 195 -15.10 6.84 -9.17
C LEU A 195 -16.15 6.26 -8.22
N LEU A 196 -17.42 6.24 -8.63
CA LEU A 196 -18.48 5.75 -7.77
C LEU A 196 -18.96 4.37 -8.19
N ARG A 197 -18.24 3.72 -9.13
CA ARG A 197 -18.46 2.39 -9.67
C ARG A 197 -19.63 1.59 -9.09
N HIS A 198 -19.48 1.13 -7.84
CA HIS A 198 -20.35 0.17 -7.16
C HIS A 198 -19.90 -1.28 -7.38
N LEU A 199 -19.59 -1.66 -8.63
CA LEU A 199 -19.04 -2.98 -8.93
C LEU A 199 -17.54 -2.88 -9.20
N MET A 200 -16.79 -3.84 -8.68
CA MET A 200 -15.34 -3.77 -8.74
C MET A 200 -14.83 -4.05 -10.15
N ASP A 201 -13.80 -3.31 -10.53
CA ASP A 201 -13.15 -3.56 -11.81
C ASP A 201 -12.52 -4.96 -11.80
N PRO A 202 -12.64 -5.73 -12.88
CA PRO A 202 -12.07 -7.10 -12.90
C PRO A 202 -10.57 -7.13 -12.66
N GLY A 203 -9.80 -6.19 -13.21
CA GLY A 203 -8.37 -6.18 -12.99
C GLY A 203 -8.02 -6.03 -11.52
N THR A 204 -8.80 -5.22 -10.82
CA THR A 204 -8.64 -5.08 -9.38
C THR A 204 -8.81 -6.42 -8.69
N PHE A 205 -9.91 -7.11 -9.00
CA PHE A 205 -10.20 -8.39 -8.37
C PHE A 205 -9.07 -9.37 -8.60
N THR A 206 -8.62 -9.46 -9.85
CA THR A 206 -7.58 -10.42 -10.21
C THR A 206 -6.26 -10.09 -9.52
N SER A 207 -5.96 -8.82 -9.36
CA SER A 207 -4.73 -8.44 -8.67
C SER A 207 -4.79 -8.62 -7.17
N ASN A 208 -5.98 -8.67 -6.57
CA ASN A 208 -6.07 -8.72 -5.12
C ASN A 208 -6.64 -10.01 -4.57
N PHE A 209 -7.70 -10.53 -5.19
CA PHE A 209 -8.30 -11.78 -4.74
C PHE A 209 -7.59 -12.94 -5.42
N ASN A 210 -6.57 -13.42 -4.75
CA ASN A 210 -5.65 -14.40 -5.28
C ASN A 210 -5.00 -15.05 -4.06
N ASN A 211 -4.66 -16.34 -4.17
CA ASN A 211 -4.05 -17.00 -3.01
C ASN A 211 -2.70 -17.64 -3.31
N LYS A 212 -2.05 -17.30 -4.41
CA LYS A 212 -0.71 -17.81 -4.63
C LYS A 212 0.23 -17.35 -3.50
N PRO A 213 1.18 -18.18 -3.08
CA PRO A 213 2.09 -17.74 -2.02
C PRO A 213 3.01 -16.63 -2.45
N TRP A 214 3.24 -16.44 -3.75
CA TRP A 214 3.85 -15.21 -4.24
C TRP A 214 2.71 -14.20 -4.42
N VAL A 215 2.72 -13.13 -3.62
CA VAL A 215 1.58 -12.22 -3.59
C VAL A 215 1.83 -10.96 -4.43
N SER A 216 2.90 -10.92 -5.23
CA SER A 216 3.22 -9.77 -6.08
C SER A 216 3.33 -8.48 -5.27
N GLY A 217 3.92 -8.58 -4.08
CA GLY A 217 4.10 -7.41 -3.23
C GLY A 217 2.82 -6.68 -2.85
N GLN A 218 1.66 -7.34 -2.95
CA GLN A 218 0.38 -6.64 -2.83
C GLN A 218 0.15 -6.15 -1.40
N HIS A 219 0.26 -4.83 -1.17
CA HIS A 219 -0.02 -4.24 0.14
C HIS A 219 -1.45 -3.74 0.29
N GLU A 220 -2.24 -3.74 -0.78
CA GLU A 220 -3.64 -3.36 -0.68
C GLU A 220 -4.48 -4.50 -0.09
N THR A 221 -5.54 -4.11 0.62
CA THR A 221 -6.60 -5.02 1.05
C THR A 221 -7.92 -4.52 0.50
N TYR A 222 -8.57 -5.34 -0.33
CA TYR A 222 -9.94 -5.08 -0.74
C TYR A 222 -10.91 -5.94 0.05
N LEU A 223 -12.09 -5.39 0.30
CA LEU A 223 -13.08 -6.00 1.17
C LEU A 223 -14.45 -5.89 0.51
N CYS A 224 -15.05 -7.03 0.19
CA CYS A 224 -16.43 -7.07 -0.28
C CYS A 224 -17.39 -7.43 0.86
N TYR A 225 -18.51 -6.72 0.93
CA TYR A 225 -19.45 -6.93 2.02
C TYR A 225 -20.87 -7.03 1.49
N LYS A 226 -21.65 -7.82 2.21
CA LYS A 226 -23.10 -7.99 2.03
C LYS A 226 -23.75 -8.19 3.39
N VAL A 227 -25.03 -7.81 3.48
CA VAL A 227 -25.78 -7.85 4.72
C VAL A 227 -27.03 -8.69 4.52
N GLU A 228 -27.37 -9.48 5.55
CA GLU A 228 -28.62 -10.23 5.57
C GLU A 228 -29.42 -9.91 6.84
N ARG A 229 -30.74 -9.98 6.73
CA ARG A 229 -31.72 -9.76 7.80
C ARG A 229 -32.36 -11.08 8.14
N LEU A 230 -32.54 -11.37 9.43
CA LEU A 230 -33.27 -12.57 9.82
C LEU A 230 -34.73 -12.20 9.97
N HIS A 231 -35.58 -12.80 9.14
CA HIS A 231 -37.00 -12.51 9.12
C HIS A 231 -37.75 -13.82 9.11
N ASN A 232 -38.53 -14.06 10.17
CA ASN A 232 -39.20 -15.35 10.44
C ASN A 232 -38.29 -16.54 10.13
N ASP A 233 -37.06 -16.47 10.65
CA ASP A 233 -36.07 -17.53 10.55
C ASP A 233 -35.72 -17.90 9.12
N THR A 234 -35.85 -16.96 8.19
CA THR A 234 -35.19 -17.04 6.89
C THR A 234 -34.25 -15.86 6.79
N TRP A 235 -33.15 -16.06 6.06
CA TRP A 235 -32.14 -15.01 5.86
C TRP A 235 -32.42 -14.27 4.55
N VAL A 236 -32.86 -13.02 4.65
CA VAL A 236 -33.23 -12.19 3.51
C VAL A 236 -32.06 -11.27 3.16
N PRO A 237 -31.70 -11.13 1.89
CA PRO A 237 -30.67 -10.14 1.52
C PRO A 237 -31.19 -8.69 1.65
N LEU A 238 -30.26 -7.78 1.95
CA LEU A 238 -30.49 -6.33 1.97
C LEU A 238 -29.59 -5.70 0.93
N ASN A 239 -30.03 -5.76 -0.33
CA ASN A 239 -29.11 -5.44 -1.40
C ASN A 239 -28.78 -3.95 -1.47
N GLN A 240 -29.40 -3.12 -0.63
CA GLN A 240 -28.96 -1.73 -0.51
C GLN A 240 -27.67 -1.56 0.30
N HIS A 241 -27.22 -2.59 1.02
CA HIS A 241 -25.98 -2.54 1.78
C HIS A 241 -25.03 -3.59 1.20
N ARG A 242 -24.46 -3.30 0.05
CA ARG A 242 -23.73 -4.30 -0.71
C ARG A 242 -22.65 -3.59 -1.49
N GLY A 243 -21.39 -3.97 -1.33
CA GLY A 243 -20.38 -3.28 -2.10
C GLY A 243 -18.96 -3.69 -1.72
N PHE A 244 -18.02 -2.82 -2.06
CA PHE A 244 -16.63 -3.12 -1.78
C PHE A 244 -15.95 -1.84 -1.31
N LEU A 245 -14.86 -2.04 -0.59
CA LEU A 245 -14.00 -0.94 -0.18
C LEU A 245 -12.57 -1.47 -0.17
N ARG A 246 -11.65 -0.60 0.21
CA ARG A 246 -10.24 -0.90 0.23
C ARG A 246 -9.61 -0.08 1.35
N ASN A 247 -8.38 -0.43 1.70
CA ASN A 247 -7.70 0.34 2.74
C ASN A 247 -7.40 1.76 2.27
N GLN A 248 -7.21 2.63 3.24
CA GLN A 248 -6.74 3.99 3.03
C GLN A 248 -5.28 4.08 3.43
N ALA A 249 -4.61 5.13 2.95
CA ALA A 249 -3.33 5.50 3.53
C ALA A 249 -3.55 5.79 5.01
N GLY A 250 -2.89 5.04 5.86
CA GLY A 250 -3.06 5.21 7.29
C GLY A 250 -4.37 4.75 7.89
N ARG A 251 -5.11 3.84 7.24
CA ARG A 251 -6.23 3.19 7.92
C ARG A 251 -6.57 1.91 7.18
N HIS A 252 -6.46 0.79 7.87
CA HIS A 252 -6.62 -0.53 7.28
C HIS A 252 -8.07 -0.78 6.83
N ALA A 253 -8.20 -1.72 5.88
CA ALA A 253 -9.51 -2.00 5.30
C ALA A 253 -10.54 -2.44 6.34
N ALA A 254 -10.13 -3.29 7.29
CA ALA A 254 -11.10 -3.81 8.25
C ALA A 254 -11.65 -2.70 9.15
N LEU A 255 -10.79 -1.74 9.55
CA LEU A 255 -11.27 -0.56 10.25
C LEU A 255 -12.21 0.28 9.38
N CYS A 256 -11.90 0.43 8.08
CA CYS A 256 -12.78 1.20 7.21
C CYS A 256 -14.15 0.56 7.12
N PHE A 257 -14.19 -0.76 7.18
CA PHE A 257 -15.48 -1.44 7.16
C PHE A 257 -16.29 -1.17 8.42
N LEU A 258 -15.64 -1.28 9.59
CA LEU A 258 -16.33 -0.96 10.84
C LEU A 258 -16.83 0.49 10.84
N ASP A 259 -16.03 1.42 10.29
CA ASP A 259 -16.50 2.80 10.20
C ASP A 259 -17.70 2.91 9.28
N LEU A 260 -17.79 2.03 8.28
CA LEU A 260 -18.89 2.10 7.34
C LEU A 260 -20.21 1.66 7.98
N ILE A 261 -20.16 0.62 8.81
CA ILE A 261 -21.38 -0.03 9.29
C ILE A 261 -22.39 0.91 9.95
N PRO A 262 -22.00 1.87 10.80
CA PRO A 262 -23.02 2.77 11.36
C PRO A 262 -23.72 3.67 10.34
N PHE A 263 -23.08 3.98 9.20
CA PHE A 263 -23.79 4.69 8.13
C PHE A 263 -25.01 3.91 7.64
N TRP A 264 -25.05 2.59 7.86
CA TRP A 264 -26.19 1.77 7.45
C TRP A 264 -27.42 1.99 8.31
N LYS A 265 -27.26 2.60 9.47
CA LYS A 265 -28.33 2.76 10.47
C LYS A 265 -29.21 1.51 10.56
N LEU A 266 -28.58 0.42 10.98
CA LEU A 266 -29.28 -0.84 11.23
C LEU A 266 -30.02 -0.74 12.55
N ASP A 267 -31.18 -1.39 12.62
CA ASP A 267 -31.97 -1.43 13.85
C ASP A 267 -31.54 -2.63 14.70
N GLY A 268 -32.35 -2.98 15.70
CA GLY A 268 -32.10 -4.06 16.66
C GLY A 268 -32.49 -5.45 16.22
N GLN A 269 -32.94 -5.63 15.00
CA GLN A 269 -33.15 -6.97 14.46
C GLN A 269 -31.81 -7.71 14.39
N GLN A 270 -31.84 -8.97 13.95
CA GLN A 270 -30.64 -9.76 13.79
C GLN A 270 -30.13 -9.68 12.36
N TYR A 271 -28.85 -9.33 12.19
CA TYR A 271 -28.23 -9.18 10.88
C TYR A 271 -27.00 -10.07 10.79
N ARG A 272 -26.71 -10.55 9.58
CA ARG A 272 -25.49 -11.30 9.31
C ARG A 272 -24.69 -10.54 8.26
N VAL A 273 -23.52 -10.08 8.64
CA VAL A 273 -22.65 -9.32 7.76
C VAL A 273 -21.54 -10.24 7.28
N THR A 274 -21.37 -10.31 5.96
CA THR A 274 -20.35 -11.15 5.36
C THR A 274 -19.30 -10.31 4.63
N CYS A 275 -18.03 -10.56 4.98
CA CYS A 275 -16.82 -9.96 4.39
C CYS A 275 -16.07 -11.02 3.63
N PHE A 276 -15.71 -10.71 2.40
CA PHE A 276 -14.69 -11.42 1.65
C PHE A 276 -13.50 -10.46 1.55
N THR A 277 -12.39 -10.78 2.21
CA THR A 277 -11.26 -9.88 2.31
C THR A 277 -10.02 -10.49 1.65
N SER A 278 -9.24 -9.68 0.96
CA SER A 278 -8.10 -10.23 0.25
C SER A 278 -6.94 -10.56 1.19
N TRP A 279 -6.96 -10.05 2.41
CA TRP A 279 -6.02 -10.38 3.46
C TRP A 279 -6.81 -10.56 4.75
N SER A 280 -6.44 -11.57 5.55
CA SER A 280 -7.08 -11.71 6.85
C SER A 280 -6.61 -10.57 7.75
N PRO A 281 -7.41 -10.19 8.75
CA PRO A 281 -7.06 -8.98 9.51
C PRO A 281 -5.84 -9.19 10.41
N CYS A 282 -4.96 -8.17 10.46
CA CYS A 282 -3.91 -8.09 11.46
C CYS A 282 -4.48 -8.10 12.88
N PHE A 283 -3.60 -8.09 13.87
CA PHE A 283 -4.03 -8.18 15.26
C PHE A 283 -4.86 -6.97 15.70
N SER A 284 -4.42 -5.75 15.38
CA SER A 284 -5.16 -4.56 15.82
C SER A 284 -6.55 -4.53 15.21
N CYS A 285 -6.66 -4.94 13.93
CA CYS A 285 -7.98 -4.94 13.30
C CYS A 285 -8.84 -6.05 13.87
N ALA A 286 -8.23 -7.19 14.20
CA ALA A 286 -8.98 -8.28 14.79
C ALA A 286 -9.56 -7.87 16.14
N GLN A 287 -8.78 -7.14 16.92
CA GLN A 287 -9.25 -6.72 18.23
C GLN A 287 -10.37 -5.68 18.11
N GLU A 288 -10.26 -4.79 17.13
CA GLU A 288 -11.34 -3.82 16.93
C GLU A 288 -12.62 -4.52 16.47
N MET A 289 -12.47 -5.57 15.65
CA MET A 289 -13.66 -6.30 15.23
C MET A 289 -14.28 -7.09 16.39
N ALA A 290 -13.44 -7.63 17.28
CA ALA A 290 -13.92 -8.31 18.47
C ALA A 290 -14.67 -7.36 19.39
N LYS A 291 -14.12 -6.15 19.59
CA LYS A 291 -14.84 -5.10 20.32
C LYS A 291 -16.19 -4.82 19.68
N PHE A 292 -16.21 -4.74 18.34
CA PHE A 292 -17.45 -4.45 17.65
C PHE A 292 -18.50 -5.51 17.89
N ILE A 293 -18.15 -6.79 17.70
CA ILE A 293 -19.13 -7.86 17.87
C ILE A 293 -19.56 -8.01 19.32
N SER A 294 -18.72 -7.59 20.27
CA SER A 294 -19.09 -7.57 21.68
C SER A 294 -20.04 -6.43 22.01
N ASN A 295 -20.03 -5.35 21.24
CA ASN A 295 -20.92 -4.24 21.47
C ASN A 295 -22.14 -4.26 20.55
N ASN A 296 -22.30 -5.32 19.75
CA ASN A 296 -23.37 -5.40 18.76
C ASN A 296 -23.71 -6.87 18.60
N GLU A 297 -24.27 -7.49 19.64
CA GLU A 297 -24.43 -8.93 19.59
C GLU A 297 -25.53 -9.35 18.64
N HIS A 298 -26.42 -8.44 18.26
CA HIS A 298 -27.38 -8.72 17.18
C HIS A 298 -26.74 -8.81 15.80
N VAL A 299 -25.47 -8.42 15.64
CA VAL A 299 -24.80 -8.50 14.34
C VAL A 299 -23.82 -9.67 14.38
N SER A 300 -24.08 -10.69 13.56
CA SER A 300 -23.21 -11.86 13.43
C SER A 300 -22.27 -11.69 12.24
N LEU A 301 -20.98 -11.84 12.48
CA LEU A 301 -19.93 -11.48 11.54
C LEU A 301 -19.31 -12.72 10.88
N CYS A 302 -19.22 -12.72 9.54
CA CYS A 302 -18.62 -13.81 8.79
C CYS A 302 -17.48 -13.28 7.92
N ILE A 303 -16.28 -13.79 8.14
CA ILE A 303 -15.10 -13.32 7.43
C ILE A 303 -14.51 -14.49 6.64
N PHE A 304 -14.40 -14.31 5.33
CA PHE A 304 -13.65 -15.20 4.47
C PHE A 304 -12.41 -14.48 3.97
N ALA A 305 -11.25 -15.09 4.16
CA ALA A 305 -9.99 -14.51 3.72
C ALA A 305 -9.42 -15.27 2.53
N ALA A 306 -8.91 -14.50 1.56
CA ALA A 306 -8.18 -15.07 0.45
C ALA A 306 -6.79 -15.58 0.89
N ARG A 307 -6.13 -14.87 1.80
CA ARG A 307 -4.79 -15.19 2.28
C ARG A 307 -4.68 -14.86 3.76
N ILE A 308 -3.78 -15.53 4.46
CA ILE A 308 -3.47 -15.18 5.83
C ILE A 308 -2.35 -14.15 5.84
N TYR A 309 -2.58 -13.06 6.53
CA TYR A 309 -1.61 -11.98 6.62
C TYR A 309 -0.85 -12.12 7.93
N ASP A 310 0.45 -12.34 7.83
CA ASP A 310 1.34 -12.32 8.97
C ASP A 310 1.77 -10.88 9.21
N ASP A 311 1.27 -10.28 10.31
CA ASP A 311 1.58 -8.90 10.65
C ASP A 311 2.88 -8.76 11.42
N GLN A 312 3.71 -9.81 11.44
CA GLN A 312 4.96 -9.81 12.17
C GLN A 312 4.77 -9.63 13.67
N GLY A 313 3.55 -9.83 14.15
CA GLY A 313 3.25 -9.71 15.57
C GLY A 313 2.24 -10.75 16.04
N ARG A 314 1.15 -10.31 16.66
CA ARG A 314 0.25 -11.20 17.38
C ARG A 314 -0.96 -11.63 16.56
N TYR A 315 -0.82 -11.69 15.24
CA TYR A 315 -1.96 -11.94 14.36
C TYR A 315 -2.62 -13.29 14.63
N GLN A 316 -1.86 -14.28 15.11
CA GLN A 316 -2.49 -15.58 15.37
C GLN A 316 -3.40 -15.53 16.59
N GLU A 317 -2.97 -14.80 17.64
CA GLU A 317 -3.87 -14.52 18.76
C GLU A 317 -5.10 -13.77 18.28
N GLY A 318 -4.93 -12.82 17.36
CA GLY A 318 -6.07 -12.06 16.87
C GLY A 318 -7.10 -12.94 16.18
N LEU A 319 -6.64 -13.81 15.28
CA LEU A 319 -7.58 -14.72 14.66
C LEU A 319 -8.24 -15.64 15.69
N ARG A 320 -7.48 -16.08 16.69
CA ARG A 320 -8.05 -16.98 17.70
C ARG A 320 -9.12 -16.27 18.53
N THR A 321 -8.86 -15.02 18.92
CA THR A 321 -9.84 -14.24 19.67
C THR A 321 -11.10 -14.03 18.85
N LEU A 322 -10.94 -13.67 17.58
CA LEU A 322 -12.09 -13.44 16.72
C LEU A 322 -12.93 -14.69 16.57
N HIS A 323 -12.27 -15.85 16.46
CA HIS A 323 -12.97 -17.12 16.34
C HIS A 323 -13.64 -17.53 17.65
N ARG A 324 -13.04 -17.18 18.79
CA ARG A 324 -13.61 -17.53 20.08
C ARG A 324 -14.83 -16.66 20.42
N ASP A 325 -14.86 -15.40 19.94
CA ASP A 325 -15.94 -14.47 20.30
C ASP A 325 -17.19 -14.62 19.41
N GLY A 326 -17.30 -15.70 18.64
CA GLY A 326 -18.34 -15.79 17.65
C GLY A 326 -17.58 -15.64 16.36
N ALA A 327 -18.17 -15.04 15.33
CA ALA A 327 -17.46 -14.73 14.09
C ALA A 327 -16.83 -15.94 13.44
N LYS A 328 -17.38 -16.31 12.28
CA LYS A 328 -16.79 -17.39 11.52
C LYS A 328 -15.63 -16.83 10.72
N ILE A 329 -14.47 -17.45 10.85
CA ILE A 329 -13.27 -17.12 10.09
C ILE A 329 -13.01 -18.33 9.21
N ALA A 330 -12.85 -18.09 7.92
CA ALA A 330 -12.58 -19.18 6.99
C ALA A 330 -11.75 -18.66 5.83
N MET A 331 -10.99 -19.56 5.21
CA MET A 331 -10.27 -19.26 3.99
C MET A 331 -11.19 -19.40 2.78
N MET A 332 -10.96 -18.55 1.76
CA MET A 332 -11.74 -18.64 0.53
C MET A 332 -11.34 -19.85 -0.30
N ASN A 333 -12.32 -20.65 -0.68
CA ASN A 333 -12.14 -21.72 -1.65
C ASN A 333 -12.64 -21.28 -3.02
N TYR A 334 -12.57 -22.18 -4.01
CA TYR A 334 -13.06 -21.86 -5.35
C TYR A 334 -14.46 -21.26 -5.29
N SER A 335 -15.34 -21.86 -4.48
CA SER A 335 -16.74 -21.45 -4.42
C SER A 335 -16.87 -19.99 -4.01
N GLU A 336 -16.13 -19.58 -2.98
CA GLU A 336 -16.20 -18.21 -2.53
C GLU A 336 -15.56 -17.25 -3.54
N PHE A 337 -14.45 -17.64 -4.16
CA PHE A 337 -13.86 -16.78 -5.18
C PHE A 337 -14.87 -16.55 -6.31
N GLU A 338 -15.50 -17.64 -6.76
CA GLU A 338 -16.46 -17.55 -7.85
C GLU A 338 -17.67 -16.72 -7.45
N TYR A 339 -18.14 -16.88 -6.20
CA TYR A 339 -19.25 -16.07 -5.71
C TYR A 339 -18.90 -14.58 -5.73
N CYS A 340 -17.67 -14.22 -5.30
CA CYS A 340 -17.25 -12.82 -5.31
C CYS A 340 -17.10 -12.27 -6.71
N TRP A 341 -16.59 -13.07 -7.63
CA TRP A 341 -16.54 -12.66 -9.03
C TRP A 341 -17.94 -12.38 -9.55
N ASP A 342 -18.89 -13.29 -9.28
CA ASP A 342 -20.24 -13.15 -9.80
C ASP A 342 -20.96 -11.95 -9.17
N THR A 343 -20.75 -11.71 -7.89
CA THR A 343 -21.55 -10.77 -7.12
C THR A 343 -20.97 -9.35 -7.07
N PHE A 344 -19.65 -9.20 -6.99
CA PHE A 344 -19.06 -7.89 -6.72
C PHE A 344 -18.28 -7.31 -7.90
N VAL A 345 -18.08 -8.06 -8.96
CA VAL A 345 -17.18 -7.67 -10.05
C VAL A 345 -18.00 -7.24 -11.26
N ASP A 346 -17.54 -6.19 -11.93
CA ASP A 346 -18.15 -5.69 -13.17
C ASP A 346 -17.67 -6.58 -14.32
N ARG A 347 -18.18 -7.81 -14.32
CA ARG A 347 -17.70 -8.89 -15.16
C ARG A 347 -18.32 -8.90 -16.54
N GLN A 348 -19.43 -8.16 -16.73
CA GLN A 348 -20.05 -8.02 -18.04
C GLN A 348 -20.33 -9.39 -18.68
N GLY A 349 -20.79 -10.33 -17.85
CA GLY A 349 -21.16 -11.65 -18.30
C GLY A 349 -20.06 -12.68 -18.39
N ARG A 350 -18.79 -12.30 -18.26
CA ARG A 350 -17.73 -13.31 -18.35
C ARG A 350 -17.72 -14.18 -17.09
N PRO A 351 -17.36 -15.45 -17.22
CA PRO A 351 -17.37 -16.35 -16.05
C PRO A 351 -16.12 -16.16 -15.22
N PHE A 352 -16.19 -16.65 -13.98
CA PHE A 352 -14.99 -16.72 -13.14
C PHE A 352 -13.92 -17.58 -13.81
N GLN A 353 -12.67 -17.14 -13.74
CA GLN A 353 -11.54 -17.88 -14.28
C GLN A 353 -10.55 -18.21 -13.18
N PRO A 354 -10.52 -19.46 -12.72
CA PRO A 354 -9.55 -19.82 -11.68
C PRO A 354 -8.14 -19.79 -12.23
N TRP A 355 -7.19 -19.53 -11.34
CA TRP A 355 -5.76 -19.55 -11.63
C TRP A 355 -5.20 -20.90 -11.21
N ASP A 356 -3.96 -21.16 -11.63
CA ASP A 356 -3.32 -22.43 -11.31
C ASP A 356 -3.01 -22.54 -9.81
N GLY A 357 -3.31 -23.69 -9.24
CA GLY A 357 -3.03 -23.96 -7.85
C GLY A 357 -4.07 -23.44 -6.88
N LEU A 358 -5.13 -22.81 -7.39
CA LEU A 358 -6.16 -22.22 -6.54
C LEU A 358 -6.61 -23.21 -5.45
N ASP A 359 -6.95 -24.42 -5.85
CA ASP A 359 -7.47 -25.39 -4.88
C ASP A 359 -6.40 -25.85 -3.90
N GLU A 360 -5.16 -26.05 -4.38
CA GLU A 360 -4.08 -26.48 -3.50
C GLU A 360 -3.69 -25.41 -2.52
N HIS A 361 -3.62 -24.16 -2.98
CA HIS A 361 -3.30 -23.07 -2.06
C HIS A 361 -4.45 -22.84 -1.06
N SER A 362 -5.71 -22.96 -1.51
CA SER A 362 -6.82 -22.95 -0.57
C SER A 362 -6.65 -24.00 0.52
N GLN A 363 -6.32 -25.23 0.12
CA GLN A 363 -6.21 -26.31 1.10
C GLN A 363 -5.07 -26.07 2.08
N ALA A 364 -3.91 -25.61 1.58
CA ALA A 364 -2.79 -25.33 2.47
C ALA A 364 -3.14 -24.23 3.47
N LEU A 365 -3.79 -23.16 3.00
CA LEU A 365 -4.15 -22.07 3.89
C LEU A 365 -5.23 -22.50 4.88
N SER A 366 -6.15 -23.34 4.43
CA SER A 366 -7.16 -23.90 5.33
C SER A 366 -6.51 -24.70 6.43
N GLY A 367 -5.50 -25.51 6.08
CA GLY A 367 -4.76 -26.24 7.08
C GLY A 367 -4.09 -25.33 8.09
N ARG A 368 -3.44 -24.27 7.59
CA ARG A 368 -2.75 -23.34 8.49
C ARG A 368 -3.73 -22.64 9.41
N LEU A 369 -4.88 -22.25 8.89
CA LEU A 369 -5.86 -21.56 9.69
C LEU A 369 -6.43 -22.49 10.76
N ARG A 370 -6.76 -23.72 10.36
CA ARG A 370 -7.22 -24.72 11.33
C ARG A 370 -6.16 -25.00 12.38
N ALA A 371 -4.88 -24.93 12.03
CA ALA A 371 -3.82 -25.08 13.01
C ALA A 371 -3.70 -23.86 13.94
N ILE A 372 -4.00 -22.66 13.42
CA ILE A 372 -3.89 -21.42 14.21
C ILE A 372 -5.01 -21.31 15.23
N LEU A 373 -6.27 -21.31 14.76
CA LEU A 373 -7.40 -21.72 15.59
C LEU A 373 -6.97 -23.08 16.06
N GLN A 374 -7.57 -23.64 17.10
CA GLN A 374 -7.01 -24.87 17.67
C GLN A 374 -5.87 -24.46 18.56
N ASN A 375 -4.69 -25.01 18.29
CA ASN A 375 -3.40 -24.45 18.72
C ASN A 375 -2.30 -25.41 18.27
N GLN A 376 -1.08 -25.20 18.75
CA GLN A 376 0.11 -25.99 18.43
C GLN A 376 1.34 -25.20 18.87
N GLY A 377 1.15 -23.94 19.21
CA GLY A 377 2.23 -23.07 19.65
C GLY A 377 1.78 -21.70 20.07
N ASN B 14 33.70 -38.44 8.01
CA ASN B 14 32.71 -37.63 7.31
C ASN B 14 31.76 -36.96 8.31
N MET B 15 30.46 -37.21 8.16
CA MET B 15 29.45 -36.61 9.03
C MET B 15 29.13 -37.51 10.21
N VAL B 16 28.68 -36.89 11.30
CA VAL B 16 28.39 -37.64 12.52
C VAL B 16 27.12 -38.47 12.33
N GLU B 17 26.11 -37.87 11.69
CA GLU B 17 24.82 -38.51 11.47
C GLU B 17 24.34 -37.99 10.13
N PRO B 18 24.60 -38.72 9.05
CA PRO B 18 24.27 -38.19 7.73
C PRO B 18 22.78 -38.24 7.46
N MET B 19 22.39 -37.47 6.45
CA MET B 19 21.02 -37.42 6.01
C MET B 19 20.65 -38.70 5.28
N ASP B 20 19.43 -39.15 5.48
CA ASP B 20 18.92 -40.34 4.83
C ASP B 20 18.60 -40.03 3.36
N PRO B 21 18.98 -40.92 2.44
CA PRO B 21 18.77 -40.63 1.00
C PRO B 21 17.34 -40.25 0.63
N ARG B 22 16.34 -40.82 1.28
CA ARG B 22 14.96 -40.45 0.95
C ARG B 22 14.67 -39.03 1.40
N THR B 23 15.22 -38.63 2.55
CA THR B 23 15.10 -37.24 2.99
C THR B 23 15.68 -36.29 1.96
N PHE B 24 16.91 -36.58 1.51
CA PHE B 24 17.52 -35.76 0.47
C PHE B 24 16.62 -35.68 -0.76
N VAL B 25 16.16 -36.84 -1.26
CA VAL B 25 15.38 -36.85 -2.50
C VAL B 25 14.09 -36.07 -2.33
N SER B 26 13.47 -36.16 -1.15
CA SER B 26 12.23 -35.44 -0.93
C SER B 26 12.44 -33.94 -0.79
N ASN B 27 13.57 -33.52 -0.25
CA ASN B 27 13.71 -32.11 0.10
C ASN B 27 14.64 -31.32 -0.80
N PHE B 28 15.71 -31.92 -1.28
CA PHE B 28 16.67 -31.22 -2.13
C PHE B 28 16.32 -31.60 -3.57
N ASN B 29 15.43 -30.81 -4.12
CA ASN B 29 14.88 -31.06 -5.42
C ASN B 29 14.46 -29.70 -5.94
N ASN B 30 14.29 -29.56 -7.24
CA ASN B 30 13.95 -28.22 -7.68
C ASN B 30 12.75 -28.15 -8.62
N ARG B 31 11.97 -29.22 -8.74
CA ARG B 31 10.75 -29.09 -9.54
C ARG B 31 9.66 -28.32 -8.80
N PRO B 32 8.84 -27.54 -9.52
CA PRO B 32 7.75 -26.81 -8.87
C PRO B 32 6.70 -27.74 -8.29
N ILE B 33 6.24 -27.40 -7.09
CA ILE B 33 5.18 -28.11 -6.39
C ILE B 33 4.23 -27.10 -5.72
N LEU B 34 3.07 -27.61 -5.30
CA LEU B 34 1.98 -26.79 -4.79
C LEU B 34 1.66 -27.02 -3.33
N SER B 35 2.41 -27.86 -2.62
CA SER B 35 2.02 -28.15 -1.25
C SER B 35 2.58 -27.11 -0.29
N GLY B 36 1.97 -27.04 0.90
CA GLY B 36 2.49 -26.21 1.95
C GLY B 36 3.79 -26.77 2.53
N LEU B 37 4.53 -25.91 3.22
CA LEU B 37 5.79 -26.34 3.83
C LEU B 37 5.53 -27.01 5.17
N ASP B 38 6.36 -28.00 5.47
CA ASP B 38 6.33 -28.62 6.80
C ASP B 38 7.68 -28.43 7.47
N THR B 39 8.71 -29.14 7.03
CA THR B 39 10.05 -29.02 7.58
C THR B 39 10.99 -28.49 6.50
N VAL B 40 11.96 -27.66 6.91
CA VAL B 40 13.02 -27.20 6.03
C VAL B 40 14.35 -27.65 6.61
N TRP B 41 15.30 -27.96 5.70
CA TRP B 41 16.60 -28.53 6.04
C TRP B 41 17.70 -27.57 5.64
N LEU B 42 18.73 -27.48 6.49
CA LEU B 42 19.90 -26.64 6.26
C LEU B 42 21.15 -27.46 6.54
N CYS B 43 21.91 -27.79 5.49
CA CYS B 43 23.21 -28.41 5.63
C CYS B 43 24.27 -27.34 5.65
N CYS B 44 25.08 -27.34 6.69
CA CYS B 44 25.92 -26.21 7.00
C CYS B 44 27.37 -26.66 7.10
N GLU B 45 28.25 -25.88 6.50
CA GLU B 45 29.67 -26.16 6.60
C GLU B 45 30.46 -24.88 6.88
N VAL B 46 31.29 -24.96 7.93
CA VAL B 46 32.14 -23.86 8.40
C VAL B 46 33.58 -24.18 8.00
N LYS B 47 34.21 -23.25 7.27
CA LYS B 47 35.60 -23.34 6.83
C LYS B 47 36.39 -22.12 7.28
N THR B 48 37.71 -22.25 7.21
CA THR B 48 38.62 -21.16 7.49
C THR B 48 38.66 -20.19 6.30
N LYS B 49 39.59 -19.27 6.37
CA LYS B 49 39.68 -18.30 5.30
C LYS B 49 40.29 -18.90 4.03
N ASP B 50 41.04 -19.99 4.15
CA ASP B 50 41.64 -20.69 3.03
C ASP B 50 40.66 -21.67 2.41
N PRO B 51 40.23 -21.48 1.16
CA PRO B 51 39.23 -22.41 0.57
C PRO B 51 39.68 -23.85 0.45
N SER B 52 40.98 -24.15 0.46
CA SER B 52 41.39 -25.54 0.32
C SER B 52 41.73 -26.18 1.65
N GLY B 53 41.56 -25.45 2.74
CA GLY B 53 41.62 -26.04 4.06
C GLY B 53 40.46 -26.98 4.26
N PRO B 54 40.62 -27.93 5.16
CA PRO B 54 39.52 -28.83 5.49
C PRO B 54 38.42 -28.08 6.21
N PRO B 55 37.18 -28.57 6.14
CA PRO B 55 36.09 -27.89 6.86
C PRO B 55 36.30 -28.01 8.36
N LEU B 56 36.11 -26.89 9.06
CA LEU B 56 36.25 -26.90 10.51
C LEU B 56 35.07 -27.61 11.14
N ASP B 57 33.87 -27.45 10.58
CA ASP B 57 32.79 -28.31 11.06
C ASP B 57 31.64 -28.34 10.07
N ALA B 58 30.77 -29.31 10.26
CA ALA B 58 29.64 -29.50 9.37
C ALA B 58 28.52 -30.10 10.19
N LYS B 59 27.33 -29.56 9.99
CA LYS B 59 26.17 -29.94 10.76
C LYS B 59 24.92 -29.81 9.90
N ILE B 60 23.95 -30.67 10.15
CA ILE B 60 22.64 -30.58 9.53
C ILE B 60 21.64 -30.04 10.55
N PHE B 61 20.84 -29.06 10.14
CA PHE B 61 19.78 -28.50 10.96
C PHE B 61 18.45 -28.72 10.26
N GLN B 62 17.43 -29.02 11.04
CA GLN B 62 16.08 -29.13 10.51
C GLN B 62 15.12 -28.38 11.40
N GLY B 63 14.09 -27.80 10.81
CA GLY B 63 13.14 -27.03 11.59
C GLY B 63 11.77 -27.02 10.96
N LYS B 64 10.75 -26.99 11.81
CA LYS B 64 9.36 -26.89 11.36
C LYS B 64 9.05 -25.44 11.03
N VAL B 65 8.41 -25.20 9.88
CA VAL B 65 8.17 -23.84 9.44
C VAL B 65 7.15 -23.14 10.33
N TYR B 66 6.09 -23.82 10.65
CA TYR B 66 5.02 -23.36 11.48
C TYR B 66 5.07 -24.07 12.83
N PRO B 67 4.63 -23.40 13.92
CA PRO B 67 4.07 -22.05 13.87
C PRO B 67 5.01 -20.95 14.36
N LYS B 68 6.26 -21.27 14.68
CA LYS B 68 7.16 -20.28 15.27
C LYS B 68 8.51 -20.28 14.56
N ALA B 69 8.94 -19.09 14.11
CA ALA B 69 10.19 -18.94 13.37
C ALA B 69 11.42 -19.15 14.25
N LYS B 70 11.26 -19.10 15.57
CA LYS B 70 12.32 -19.38 16.51
C LYS B 70 12.96 -20.73 16.24
N TYR B 71 12.20 -21.65 15.65
CA TYR B 71 12.66 -23.01 15.45
C TYR B 71 13.05 -23.32 14.02
N HIS B 72 13.03 -22.31 13.13
CA HIS B 72 13.53 -22.48 11.78
C HIS B 72 15.03 -22.81 11.82
N PRO B 73 15.51 -23.58 10.86
CA PRO B 73 16.93 -23.99 10.93
C PRO B 73 17.90 -22.82 10.91
N GLU B 74 17.59 -21.69 10.26
CA GLU B 74 18.51 -20.55 10.29
C GLU B 74 18.68 -19.99 11.70
N MET B 75 17.59 -19.94 12.48
CA MET B 75 17.70 -19.52 13.88
C MET B 75 18.46 -20.55 14.71
N ARG B 76 18.21 -21.83 14.45
CA ARG B 76 18.96 -22.85 15.16
C ARG B 76 20.44 -22.74 14.83
N PHE B 77 20.76 -22.42 13.58
CA PHE B 77 22.14 -22.21 13.20
C PHE B 77 22.73 -21.04 13.98
N LEU B 78 22.03 -19.91 14.01
CA LEU B 78 22.59 -18.77 14.72
C LEU B 78 22.85 -19.11 16.19
N ARG B 79 21.88 -19.69 16.87
CA ARG B 79 22.10 -20.02 18.28
C ARG B 79 23.23 -21.03 18.45
N TRP B 80 23.32 -22.01 17.55
CA TRP B 80 24.40 -23.00 17.63
C TRP B 80 25.75 -22.33 17.43
N PHE B 81 25.85 -21.49 16.40
CA PHE B 81 27.12 -20.89 16.01
C PHE B 81 27.64 -19.96 17.07
N HIS B 82 26.75 -19.27 17.78
CA HIS B 82 27.16 -18.41 18.88
C HIS B 82 27.93 -19.19 19.94
N LYS B 83 27.42 -20.37 20.33
CA LYS B 83 28.17 -21.13 21.33
C LYS B 83 29.39 -21.81 20.72
N TRP B 84 29.25 -22.32 19.50
CA TRP B 84 30.33 -23.07 18.86
C TRP B 84 31.58 -22.22 18.66
N ARG B 85 31.40 -20.93 18.30
CA ARG B 85 32.58 -20.11 18.02
C ARG B 85 33.35 -19.75 19.28
N GLN B 86 32.71 -19.80 20.45
CA GLN B 86 33.39 -19.54 21.71
C GLN B 86 34.55 -20.51 21.94
N LEU B 87 34.51 -21.69 21.33
CA LEU B 87 35.45 -22.76 21.60
C LEU B 87 36.66 -22.74 20.66
N HIS B 88 36.85 -21.67 19.87
CA HIS B 88 38.02 -21.55 18.99
C HIS B 88 38.57 -20.13 19.03
N HIS B 89 39.65 -19.95 18.28
CA HIS B 89 40.32 -18.66 18.23
C HIS B 89 39.50 -17.67 17.39
N ASP B 90 39.58 -16.39 17.76
CA ASP B 90 38.82 -15.38 17.02
C ASP B 90 39.46 -15.17 15.65
N GLN B 91 38.92 -15.85 14.66
CA GLN B 91 39.43 -15.89 13.29
C GLN B 91 38.26 -15.69 12.35
N GLU B 92 38.56 -15.61 11.05
CA GLU B 92 37.56 -15.43 10.01
C GLU B 92 36.92 -16.77 9.63
N TYR B 93 35.63 -16.74 9.33
CA TYR B 93 34.93 -17.96 8.98
C TYR B 93 34.20 -17.78 7.66
N LYS B 94 34.19 -18.83 6.85
CA LYS B 94 33.38 -18.85 5.65
C LYS B 94 32.34 -19.95 5.84
N VAL B 95 31.09 -19.56 5.92
CA VAL B 95 29.98 -20.47 6.15
C VAL B 95 29.25 -20.67 4.83
N THR B 96 28.83 -21.91 4.59
CA THR B 96 28.04 -22.25 3.44
C THR B 96 26.82 -23.01 3.91
N TRP B 97 25.66 -22.60 3.43
CA TRP B 97 24.42 -23.29 3.66
C TRP B 97 23.93 -23.87 2.36
N TYR B 98 23.48 -25.12 2.40
CA TYR B 98 22.59 -25.69 1.40
C TYR B 98 21.23 -25.82 2.09
N VAL B 99 20.23 -25.10 1.60
CA VAL B 99 18.95 -25.04 2.27
C VAL B 99 17.85 -25.44 1.28
N SER B 100 16.86 -26.20 1.75
CA SER B 100 15.90 -26.76 0.81
C SER B 100 14.88 -25.72 0.34
N TRP B 101 14.66 -24.67 1.13
CA TRP B 101 13.76 -23.60 0.78
C TRP B 101 14.43 -22.29 1.18
N SER B 102 14.12 -21.23 0.44
CA SER B 102 14.67 -19.93 0.76
C SER B 102 14.14 -19.47 2.12
N PRO B 103 14.91 -18.69 2.86
CA PRO B 103 14.49 -18.35 4.23
C PRO B 103 13.28 -17.43 4.26
N CYS B 104 12.58 -17.50 5.41
CA CYS B 104 11.52 -16.57 5.77
C CYS B 104 12.10 -15.18 6.03
N THR B 105 11.21 -14.18 6.04
CA THR B 105 11.58 -12.78 6.29
C THR B 105 12.24 -12.59 7.64
N ARG B 106 11.64 -13.11 8.71
CA ARG B 106 12.20 -12.95 10.05
C ARG B 106 13.63 -13.48 10.10
N CYS B 107 13.87 -14.63 9.45
CA CYS B 107 15.21 -15.24 9.47
C CYS B 107 16.15 -14.47 8.57
N ALA B 108 15.63 -13.97 7.44
CA ALA B 108 16.45 -13.13 6.58
C ALA B 108 16.95 -11.92 7.34
N ASN B 109 16.08 -11.34 8.17
CA ASN B 109 16.50 -10.15 8.91
C ASN B 109 17.44 -10.48 10.06
N SER B 110 17.21 -11.60 10.76
CA SER B 110 18.13 -12.01 11.82
C SER B 110 19.51 -12.32 11.28
N VAL B 111 19.58 -12.96 10.11
CA VAL B 111 20.87 -13.26 9.50
C VAL B 111 21.56 -11.99 8.99
N ALA B 112 20.81 -11.08 8.34
CA ALA B 112 21.42 -9.83 7.89
C ALA B 112 22.00 -9.03 9.06
N THR B 113 21.24 -8.95 10.16
CA THR B 113 21.75 -8.27 11.35
C THR B 113 23.00 -8.95 11.88
N PHE B 114 22.99 -10.28 11.95
CA PHE B 114 24.17 -11.01 12.42
C PHE B 114 25.39 -10.71 11.56
N LEU B 115 25.22 -10.77 10.22
CA LEU B 115 26.33 -10.51 9.31
C LEU B 115 26.85 -9.09 9.46
N ALA B 116 25.94 -8.14 9.67
CA ALA B 116 26.33 -6.74 9.83
C ALA B 116 27.08 -6.50 11.14
N LYS B 117 26.74 -7.22 12.22
CA LYS B 117 27.42 -6.99 13.48
C LYS B 117 28.72 -7.75 13.62
N ASP B 118 29.04 -8.67 12.69
CA ASP B 118 30.25 -9.49 12.77
C ASP B 118 30.91 -9.61 11.41
N PRO B 119 31.78 -8.67 11.05
CA PRO B 119 32.40 -8.70 9.71
C PRO B 119 33.36 -9.86 9.51
N LYS B 120 33.74 -10.58 10.56
CA LYS B 120 34.65 -11.71 10.44
C LYS B 120 33.96 -12.99 9.98
N VAL B 121 32.67 -12.96 9.65
CA VAL B 121 31.93 -14.11 9.16
C VAL B 121 31.40 -13.78 7.77
N THR B 122 31.56 -14.70 6.81
CA THR B 122 30.97 -14.48 5.49
C THR B 122 30.11 -15.67 5.14
N LEU B 123 28.95 -15.41 4.55
CA LEU B 123 27.95 -16.44 4.35
C LEU B 123 27.58 -16.59 2.89
N THR B 124 27.54 -17.84 2.42
CA THR B 124 27.02 -18.19 1.10
C THR B 124 25.83 -19.13 1.27
N ILE B 125 24.73 -18.80 0.64
CA ILE B 125 23.48 -19.52 0.81
C ILE B 125 23.07 -20.07 -0.55
N PHE B 126 23.11 -21.39 -0.69
CA PHE B 126 22.56 -22.08 -1.85
C PHE B 126 21.17 -22.59 -1.48
N VAL B 127 20.17 -22.26 -2.29
CA VAL B 127 18.81 -22.68 -2.05
C VAL B 127 18.40 -23.60 -3.18
N ALA B 128 17.69 -24.67 -2.83
CA ALA B 128 17.15 -25.58 -3.83
C ALA B 128 15.94 -24.97 -4.54
N ARG B 129 14.98 -24.45 -3.76
CA ARG B 129 13.77 -23.87 -4.31
C ARG B 129 13.44 -22.62 -3.53
N LEU B 130 12.78 -21.68 -4.19
CA LEU B 130 12.29 -20.47 -3.55
C LEU B 130 10.91 -20.67 -2.95
N TYR B 131 10.73 -20.15 -1.74
CA TYR B 131 9.41 -20.08 -1.13
C TYR B 131 9.13 -18.63 -0.72
N TYR B 132 7.86 -18.24 -0.78
CA TYR B 132 7.51 -16.83 -0.62
C TYR B 132 6.59 -16.54 0.55
N TYR B 133 5.99 -17.56 1.18
CA TYR B 133 5.35 -17.44 2.49
C TYR B 133 4.15 -16.48 2.51
N TRP B 134 3.52 -16.19 1.38
CA TRP B 134 2.44 -15.19 1.35
C TRP B 134 2.92 -13.89 1.97
N ASP B 135 4.17 -13.54 1.72
CA ASP B 135 4.75 -12.35 2.30
C ASP B 135 4.84 -11.27 1.24
N PRO B 136 4.15 -10.14 1.40
CA PRO B 136 4.26 -9.07 0.40
C PRO B 136 5.64 -8.43 0.38
N ASP B 137 6.44 -8.63 1.42
CA ASP B 137 7.76 -8.04 1.55
C ASP B 137 8.87 -9.08 1.39
N TYR B 138 8.58 -10.17 0.68
CA TYR B 138 9.59 -11.21 0.57
C TYR B 138 10.82 -10.73 -0.21
N GLN B 139 10.56 -10.02 -1.31
CA GLN B 139 11.64 -9.49 -2.13
C GLN B 139 12.59 -8.65 -1.29
N GLN B 140 12.06 -7.82 -0.40
CA GLN B 140 12.94 -6.95 0.37
C GLN B 140 13.71 -7.72 1.41
N ALA B 141 13.23 -8.90 1.83
CA ALA B 141 14.00 -9.75 2.73
C ALA B 141 15.23 -10.33 2.01
N LEU B 142 15.02 -10.88 0.81
CA LEU B 142 16.19 -11.29 0.03
C LEU B 142 17.14 -10.11 -0.21
N ARG B 143 16.59 -8.92 -0.47
CA ARG B 143 17.49 -7.80 -0.79
C ARG B 143 18.28 -7.36 0.42
N ILE B 144 17.68 -7.42 1.62
CA ILE B 144 18.44 -7.08 2.81
C ILE B 144 19.55 -8.11 3.05
N LEU B 145 19.29 -9.39 2.78
CA LEU B 145 20.38 -10.35 2.89
C LEU B 145 21.52 -10.02 1.94
N ALA B 146 21.20 -9.68 0.69
CA ALA B 146 22.26 -9.29 -0.25
C ALA B 146 23.02 -8.07 0.24
N GLU B 147 22.33 -7.12 0.88
CA GLU B 147 23.02 -5.90 1.30
C GLU B 147 23.96 -6.17 2.47
N ALA B 148 23.63 -7.14 3.33
CA ALA B 148 24.50 -7.47 4.45
C ALA B 148 25.70 -8.33 4.05
N GLY B 149 25.83 -8.66 2.78
CA GLY B 149 26.98 -9.37 2.26
C GLY B 149 26.76 -10.83 1.95
N ALA B 150 25.55 -11.36 2.20
CA ALA B 150 25.33 -12.77 1.93
C ALA B 150 25.24 -13.02 0.44
N THR B 151 25.97 -14.04 -0.03
CA THR B 151 25.88 -14.50 -1.41
C THR B 151 24.79 -15.55 -1.51
N MET B 152 23.89 -15.37 -2.47
CA MET B 152 22.75 -16.24 -2.62
C MET B 152 22.64 -16.72 -4.06
N LYS B 153 22.67 -18.04 -4.23
CA LYS B 153 22.55 -18.66 -5.53
C LYS B 153 21.57 -19.81 -5.42
N ILE B 154 20.98 -20.15 -6.53
CA ILE B 154 20.21 -21.38 -6.64
C ILE B 154 21.19 -22.53 -6.75
N MET B 155 20.88 -23.63 -6.07
CA MET B 155 21.69 -24.85 -6.19
C MET B 155 21.67 -25.35 -7.63
N ASN B 156 22.83 -25.59 -8.22
CA ASN B 156 22.88 -26.24 -9.51
C ASN B 156 23.32 -27.70 -9.34
N TYR B 157 23.55 -28.38 -10.46
CA TYR B 157 23.97 -29.78 -10.44
C TYR B 157 25.12 -30.00 -9.47
N ASN B 158 26.20 -29.21 -9.60
CA ASN B 158 27.38 -29.43 -8.78
C ASN B 158 27.07 -29.27 -7.29
N GLU B 159 26.20 -28.32 -6.93
CA GLU B 159 25.92 -28.12 -5.51
C GLU B 159 25.05 -29.24 -4.94
N PHE B 160 24.04 -29.69 -5.71
CA PHE B 160 23.27 -30.87 -5.30
C PHE B 160 24.20 -32.06 -5.08
N GLN B 161 25.13 -32.31 -6.02
CA GLN B 161 26.05 -33.44 -5.90
C GLN B 161 27.01 -33.25 -4.71
N ASP B 162 27.45 -32.02 -4.50
CA ASP B 162 28.30 -31.74 -3.35
C ASP B 162 27.56 -31.98 -2.05
N CYS B 163 26.31 -31.53 -1.97
CA CYS B 163 25.55 -31.75 -0.75
C CYS B 163 25.29 -33.23 -0.55
N TRP B 164 25.04 -33.95 -1.65
CA TRP B 164 24.87 -35.39 -1.61
C TRP B 164 26.11 -36.09 -1.07
N ASN B 165 27.28 -35.69 -1.57
CA ASN B 165 28.53 -36.32 -1.13
C ASN B 165 28.83 -36.00 0.32
N LYS B 166 28.67 -34.73 0.72
CA LYS B 166 29.16 -34.27 2.02
C LYS B 166 28.17 -34.53 3.16
N PHE B 167 26.87 -34.63 2.88
CA PHE B 167 25.87 -34.65 3.94
C PHE B 167 24.95 -35.85 3.92
N VAL B 168 24.97 -36.66 2.87
CA VAL B 168 24.04 -37.78 2.73
C VAL B 168 24.77 -39.10 2.93
N ASP B 169 24.11 -40.02 3.63
CA ASP B 169 24.55 -41.40 3.77
C ASP B 169 24.32 -42.14 2.45
N GLY B 170 25.23 -41.90 1.47
CA GLY B 170 25.02 -42.43 0.14
C GLY B 170 25.45 -43.87 -0.07
N ARG B 171 26.29 -44.41 0.83
CA ARG B 171 26.74 -45.81 0.75
C ARG B 171 27.40 -46.09 -0.58
N GLY B 172 28.27 -45.17 -1.00
CA GLY B 172 28.99 -45.29 -2.25
C GLY B 172 28.19 -44.91 -3.48
N LYS B 173 26.86 -44.87 -3.39
CA LYS B 173 26.08 -44.53 -4.56
C LYS B 173 26.29 -43.06 -4.91
N PRO B 174 26.31 -42.71 -6.18
CA PRO B 174 26.56 -41.32 -6.57
C PRO B 174 25.27 -40.53 -6.67
N PHE B 175 25.44 -39.22 -6.83
CA PHE B 175 24.28 -38.35 -7.01
C PHE B 175 23.59 -38.68 -8.33
N LYS B 176 22.32 -39.06 -8.28
CA LYS B 176 21.59 -39.30 -9.52
C LYS B 176 20.69 -38.11 -9.79
N PRO B 177 20.95 -37.33 -10.84
CA PRO B 177 20.07 -36.19 -11.15
C PRO B 177 18.69 -36.64 -11.58
N TRP B 178 17.75 -35.71 -11.53
CA TRP B 178 16.38 -35.95 -11.98
C TRP B 178 16.17 -35.24 -13.30
N ASN B 179 15.08 -35.60 -13.97
CA ASN B 179 14.74 -35.01 -15.26
C ASN B 179 14.43 -33.53 -15.10
N ASN B 180 14.92 -32.74 -16.06
CA ASN B 180 14.68 -31.30 -16.15
C ASN B 180 15.36 -30.52 -15.03
N LEU B 181 16.32 -31.12 -14.32
CA LEU B 181 17.09 -30.36 -13.33
C LEU B 181 17.70 -29.07 -13.90
N PRO B 182 18.38 -29.09 -15.05
CA PRO B 182 18.96 -27.82 -15.53
C PRO B 182 17.91 -26.78 -15.84
N SER B 183 16.76 -27.22 -16.37
CA SER B 183 15.72 -26.28 -16.76
C SER B 183 15.11 -25.60 -15.53
N HIS B 184 14.82 -26.38 -14.48
CA HIS B 184 14.33 -25.78 -13.25
C HIS B 184 15.35 -24.83 -12.66
N TYR B 185 16.63 -25.22 -12.68
CA TYR B 185 17.69 -24.32 -12.22
C TYR B 185 17.62 -22.98 -12.96
N THR B 186 17.49 -23.02 -14.28
CA THR B 186 17.52 -21.80 -15.09
C THR B 186 16.34 -20.90 -14.74
N SER B 187 15.14 -21.49 -14.66
CA SER B 187 14.00 -20.68 -14.28
C SER B 187 14.18 -20.06 -12.89
N LEU B 188 14.64 -20.85 -11.90
CA LEU B 188 14.78 -20.34 -10.53
C LEU B 188 15.81 -19.23 -10.44
N GLN B 189 16.93 -19.40 -11.14
CA GLN B 189 18.01 -18.42 -11.10
C GLN B 189 17.58 -17.13 -11.78
N ALA B 190 16.84 -17.22 -12.88
CA ALA B 190 16.27 -16.00 -13.47
C ALA B 190 15.33 -15.32 -12.49
N THR B 191 14.53 -16.11 -11.76
CA THR B 191 13.66 -15.51 -10.76
C THR B 191 14.46 -14.84 -9.65
N LEU B 192 15.52 -15.49 -9.19
CA LEU B 192 16.34 -14.91 -8.13
C LEU B 192 16.99 -13.61 -8.59
N GLY B 193 17.59 -13.63 -9.79
CA GLY B 193 18.18 -12.42 -10.34
C GLY B 193 17.16 -11.30 -10.46
N GLU B 194 15.92 -11.64 -10.80
CA GLU B 194 14.88 -10.63 -10.84
C GLU B 194 14.59 -10.10 -9.43
N LEU B 195 14.57 -10.97 -8.41
CA LEU B 195 14.32 -10.49 -7.06
C LEU B 195 15.47 -9.62 -6.56
N LEU B 196 16.67 -9.82 -7.08
CA LEU B 196 17.83 -9.06 -6.63
C LEU B 196 18.21 -7.95 -7.60
N ARG B 197 17.36 -7.66 -8.57
CA ARG B 197 17.50 -6.65 -9.62
C ARG B 197 18.74 -5.76 -9.63
N HIS B 198 18.81 -4.76 -8.75
CA HIS B 198 19.68 -3.59 -8.92
C HIS B 198 18.97 -2.39 -9.53
N LEU B 199 18.54 -2.53 -10.77
CA LEU B 199 17.86 -1.47 -11.49
C LEU B 199 16.37 -1.71 -11.49
N MET B 200 15.62 -0.65 -11.30
CA MET B 200 14.17 -0.71 -11.13
C MET B 200 13.46 -1.02 -12.45
N ASP B 201 12.36 -1.74 -12.34
CA ASP B 201 11.54 -2.01 -13.51
C ASP B 201 10.92 -0.72 -14.06
N PRO B 202 10.88 -0.54 -15.39
CA PRO B 202 10.29 0.70 -15.95
C PRO B 202 8.82 0.90 -15.60
N GLY B 203 8.02 -0.16 -15.58
CA GLY B 203 6.64 -0.02 -15.17
C GLY B 203 6.51 0.44 -13.73
N THR B 204 7.40 -0.04 -12.86
CA THR B 204 7.41 0.43 -11.47
C THR B 204 7.68 1.92 -11.40
N PHE B 205 8.73 2.37 -12.11
CA PHE B 205 9.05 3.80 -12.13
C PHE B 205 7.86 4.62 -12.61
N THR B 206 7.25 4.18 -13.71
CA THR B 206 6.16 4.94 -14.32
C THR B 206 4.91 4.96 -13.42
N SER B 207 4.66 3.88 -12.68
CA SER B 207 3.54 3.85 -11.76
C SER B 207 3.78 4.73 -10.55
N ASN B 208 5.03 5.00 -10.19
CA ASN B 208 5.26 5.64 -8.90
C ASN B 208 5.84 7.03 -8.98
N PHE B 209 6.85 7.25 -9.82
CA PHE B 209 7.45 8.57 -9.96
C PHE B 209 6.62 9.35 -10.95
N ASN B 210 5.68 10.10 -10.42
CA ASN B 210 4.67 10.79 -11.17
C ASN B 210 4.21 11.92 -10.30
N ASN B 211 3.81 13.03 -10.90
CA ASN B 211 3.34 14.15 -10.10
C ASN B 211 1.98 14.66 -10.54
N LYS B 212 1.24 13.90 -11.35
CA LYS B 212 -0.14 14.29 -11.65
C LYS B 212 -0.95 14.36 -10.35
N PRO B 213 -1.86 15.34 -10.21
CA PRO B 213 -2.64 15.42 -8.97
C PRO B 213 -3.59 14.25 -8.79
N TRP B 214 -3.94 13.54 -9.85
CA TRP B 214 -4.54 12.22 -9.74
C TRP B 214 -3.40 11.21 -9.63
N VAL B 215 -3.31 10.55 -8.47
CA VAL B 215 -2.17 9.69 -8.16
C VAL B 215 -2.48 8.21 -8.41
N SER B 216 -3.65 7.91 -8.99
CA SER B 216 -4.03 6.53 -9.29
C SER B 216 -4.02 5.66 -8.03
N GLY B 217 -4.50 6.20 -6.91
CA GLY B 217 -4.62 5.45 -5.66
C GLY B 217 -3.33 4.90 -5.08
N GLN B 218 -2.18 5.47 -5.44
CA GLN B 218 -0.87 4.89 -5.12
C GLN B 218 -0.52 5.06 -3.65
N HIS B 219 -0.54 3.95 -2.90
CA HIS B 219 -0.10 3.96 -1.50
C HIS B 219 1.36 3.58 -1.33
N GLU B 220 2.02 3.07 -2.37
CA GLU B 220 3.43 2.70 -2.28
C GLU B 220 4.31 3.94 -2.32
N THR B 221 5.44 3.86 -1.62
CA THR B 221 6.51 4.86 -1.75
C THR B 221 7.79 4.15 -2.19
N TYR B 222 8.30 4.55 -3.35
CA TYR B 222 9.61 4.09 -3.81
C TYR B 222 10.66 5.17 -3.59
N LEU B 223 11.88 4.70 -3.28
CA LEU B 223 12.97 5.60 -2.91
C LEU B 223 14.23 5.17 -3.64
N CYS B 224 14.76 6.06 -4.48
CA CYS B 224 16.05 5.87 -5.14
C CYS B 224 17.15 6.62 -4.37
N TYR B 225 18.25 5.96 -4.12
CA TYR B 225 19.26 6.52 -3.26
C TYR B 225 20.65 6.37 -3.88
N LYS B 226 21.48 7.36 -3.58
CA LYS B 226 22.88 7.35 -3.93
C LYS B 226 23.67 8.08 -2.85
N VAL B 227 24.95 7.75 -2.76
CA VAL B 227 25.87 8.33 -1.79
C VAL B 227 27.09 8.89 -2.52
N GLU B 228 27.57 10.05 -2.07
CA GLU B 228 28.84 10.63 -2.51
C GLU B 228 29.70 10.91 -1.29
N ARG B 229 31.02 10.87 -1.48
CA ARG B 229 32.01 11.16 -0.43
C ARG B 229 32.75 12.44 -0.76
N LEU B 230 33.09 13.21 0.27
CA LEU B 230 33.92 14.40 0.08
C LEU B 230 35.39 13.97 0.12
N HIS B 231 36.08 14.12 -1.01
CA HIS B 231 37.48 13.72 -1.14
C HIS B 231 38.23 14.82 -1.88
N ASN B 232 39.24 15.40 -1.23
CA ASN B 232 39.97 16.55 -1.75
C ASN B 232 39.00 17.59 -2.32
N ASP B 233 37.94 17.88 -1.54
CA ASP B 233 36.93 18.91 -1.83
C ASP B 233 36.21 18.71 -3.15
N THR B 234 36.11 17.46 -3.62
CA THR B 234 35.20 17.07 -4.69
C THR B 234 34.27 15.97 -4.20
N TRP B 235 33.07 15.91 -4.80
CA TRP B 235 32.10 14.88 -4.44
C TRP B 235 32.30 13.69 -5.38
N VAL B 236 32.84 12.60 -4.84
CA VAL B 236 33.09 11.38 -5.62
C VAL B 236 31.95 10.40 -5.36
N PRO B 237 31.35 9.82 -6.41
CA PRO B 237 30.29 8.84 -6.18
C PRO B 237 30.81 7.55 -5.54
N LEU B 238 29.93 6.90 -4.79
CA LEU B 238 30.17 5.59 -4.17
C LEU B 238 29.13 4.61 -4.69
N ASN B 239 29.37 4.09 -5.90
CA ASN B 239 28.31 3.38 -6.61
C ASN B 239 27.97 2.02 -6.01
N GLN B 240 28.75 1.53 -5.06
CA GLN B 240 28.35 0.30 -4.37
C GLN B 240 27.19 0.54 -3.40
N HIS B 241 26.88 1.80 -3.08
CA HIS B 241 25.74 2.13 -2.23
C HIS B 241 24.73 2.91 -3.06
N ARG B 242 24.09 2.20 -3.96
CA ARG B 242 23.27 2.84 -4.99
C ARG B 242 22.16 1.89 -5.35
N GLY B 243 20.91 2.33 -5.21
CA GLY B 243 19.83 1.43 -5.54
C GLY B 243 18.50 2.04 -5.20
N PHE B 244 17.50 1.17 -5.00
CA PHE B 244 16.14 1.58 -4.72
C PHE B 244 15.51 0.64 -3.72
N LEU B 245 14.50 1.15 -3.03
CA LEU B 245 13.70 0.35 -2.10
C LEU B 245 12.28 0.88 -2.11
N ARG B 246 11.45 0.25 -1.27
CA ARG B 246 10.02 0.56 -1.22
C ARG B 246 9.56 0.36 0.20
N ASN B 247 8.34 0.83 0.47
CA ASN B 247 7.81 0.63 1.81
C ASN B 247 7.53 -0.84 2.07
N GLN B 248 7.52 -1.19 3.34
CA GLN B 248 7.07 -2.51 3.72
C GLN B 248 5.66 -2.40 4.27
N ALA B 249 4.97 -3.53 4.30
CA ALA B 249 3.74 -3.62 5.08
C ALA B 249 4.07 -3.30 6.53
N GLY B 250 3.48 -2.24 7.04
CA GLY B 250 3.82 -1.88 8.41
C GLY B 250 5.20 -1.31 8.65
N ARG B 251 5.87 -0.76 7.63
CA ARG B 251 7.08 0.03 7.85
C ARG B 251 7.28 0.98 6.67
N HIS B 252 7.20 2.29 6.92
CA HIS B 252 7.27 3.26 5.84
C HIS B 252 8.66 3.28 5.20
N ALA B 253 8.69 3.69 3.92
CA ALA B 253 9.90 3.65 3.12
C ALA B 253 11.02 4.47 3.72
N ALA B 254 10.69 5.64 4.28
CA ALA B 254 11.75 6.46 4.86
C ALA B 254 12.39 5.77 6.06
N LEU B 255 11.59 5.07 6.87
CA LEU B 255 12.15 4.29 7.96
C LEU B 255 13.06 3.18 7.44
N CYS B 256 12.64 2.47 6.38
CA CYS B 256 13.50 1.45 5.79
C CYS B 256 14.77 2.06 5.22
N PHE B 257 14.71 3.29 4.76
CA PHE B 257 15.95 3.92 4.30
C PHE B 257 16.91 4.15 5.47
N LEU B 258 16.37 4.64 6.59
CA LEU B 258 17.21 4.78 7.79
C LEU B 258 17.78 3.44 8.23
N ASP B 259 16.95 2.39 8.21
CA ASP B 259 17.44 1.06 8.58
C ASP B 259 18.52 0.57 7.62
N LEU B 260 18.47 0.98 6.35
CA LEU B 260 19.47 0.53 5.39
C LEU B 260 20.81 1.21 5.63
N ILE B 261 20.79 2.50 6.02
CA ILE B 261 22.03 3.28 6.05
C ILE B 261 23.15 2.63 6.87
N PRO B 262 22.90 2.12 8.10
CA PRO B 262 24.01 1.54 8.88
C PRO B 262 24.66 0.30 8.24
N PHE B 263 23.96 -0.44 7.37
CA PHE B 263 24.59 -1.50 6.62
C PHE B 263 25.74 -0.99 5.75
N TRP B 264 25.74 0.29 5.39
CA TRP B 264 26.81 0.84 4.55
C TRP B 264 28.13 1.00 5.31
N LYS B 265 28.09 0.97 6.64
CA LYS B 265 29.24 1.24 7.50
C LYS B 265 30.12 2.38 6.96
N LEU B 266 29.52 3.57 6.92
CA LEU B 266 30.25 4.78 6.55
C LEU B 266 31.10 5.25 7.73
N ASP B 267 32.29 5.79 7.42
CA ASP B 267 33.18 6.33 8.44
C ASP B 267 32.81 7.79 8.72
N GLY B 268 33.72 8.51 9.41
CA GLY B 268 33.52 9.90 9.82
C GLY B 268 33.83 10.95 8.80
N GLN B 269 34.20 10.55 7.57
CA GLN B 269 34.34 11.51 6.49
C GLN B 269 33.00 12.18 6.22
N GLN B 270 33.01 13.10 5.26
CA GLN B 270 31.80 13.83 4.89
C GLN B 270 31.10 13.09 3.76
N TYR B 271 29.82 12.80 3.94
CA TYR B 271 29.02 12.08 2.98
C TYR B 271 27.80 12.91 2.59
N ARG B 272 27.35 12.75 1.36
CA ARG B 272 26.11 13.35 0.92
C ARG B 272 25.23 12.24 0.38
N VAL B 273 24.09 12.03 1.03
CA VAL B 273 23.13 11.01 0.62
C VAL B 273 21.96 11.70 -0.06
N THR B 274 21.63 11.24 -1.27
CA THR B 274 20.51 11.78 -2.04
C THR B 274 19.43 10.71 -2.18
N CYS B 275 18.18 11.07 -1.79
CA CYS B 275 16.99 10.25 -2.00
C CYS B 275 16.04 10.96 -2.97
N PHE B 276 15.60 10.24 -3.97
CA PHE B 276 14.45 10.62 -4.77
C PHE B 276 13.30 9.72 -4.31
N THR B 277 12.28 10.32 -3.71
CA THR B 277 11.19 9.55 -3.13
C THR B 277 9.89 9.95 -3.82
N SER B 278 9.01 8.97 -4.05
CA SER B 278 7.77 9.22 -4.77
C SER B 278 6.71 9.92 -3.90
N TRP B 279 6.89 9.94 -2.59
CA TRP B 279 6.07 10.69 -1.67
C TRP B 279 7.00 11.38 -0.68
N SER B 280 6.70 12.61 -0.31
CA SER B 280 7.45 13.25 0.75
C SER B 280 7.11 12.58 2.08
N PRO B 281 8.00 12.66 3.07
CA PRO B 281 7.82 11.89 4.31
C PRO B 281 6.62 12.37 5.13
N CYS B 282 5.85 11.42 5.67
CA CYS B 282 4.89 11.77 6.70
C CYS B 282 5.61 12.37 7.92
N PHE B 283 4.80 12.84 8.87
CA PHE B 283 5.34 13.55 10.02
C PHE B 283 6.29 12.67 10.83
N SER B 284 5.88 11.44 11.13
CA SER B 284 6.70 10.56 11.97
C SER B 284 8.02 10.20 11.29
N CYS B 285 7.99 9.92 9.97
CA CYS B 285 9.23 9.59 9.30
C CYS B 285 10.12 10.82 9.20
N ALA B 286 9.50 11.99 9.06
CA ALA B 286 10.27 13.24 9.06
C ALA B 286 10.99 13.43 10.38
N GLN B 287 10.33 13.08 11.48
CA GLN B 287 10.94 13.24 12.79
C GLN B 287 12.09 12.25 12.99
N GLU B 288 11.92 11.03 12.48
CA GLU B 288 13.01 10.06 12.57
C GLU B 288 14.19 10.51 11.72
N MET B 289 13.92 11.15 10.59
CA MET B 289 15.01 11.65 9.75
C MET B 289 15.70 12.86 10.38
N ALA B 290 14.93 13.68 11.09
CA ALA B 290 15.52 14.78 11.85
C ALA B 290 16.46 14.25 12.93
N LYS B 291 16.03 13.21 13.67
CA LYS B 291 16.90 12.57 14.65
C LYS B 291 18.15 11.97 14.01
N PHE B 292 18.01 11.29 12.88
CA PHE B 292 19.18 10.69 12.23
C PHE B 292 20.18 11.76 11.82
N ILE B 293 19.72 12.81 11.10
CA ILE B 293 20.69 13.81 10.68
C ILE B 293 21.24 14.57 11.86
N SER B 294 20.50 14.66 12.97
CA SER B 294 21.02 15.32 14.16
C SER B 294 22.07 14.48 14.87
N ASN B 295 22.06 13.16 14.68
CA ASN B 295 23.06 12.30 15.29
C ASN B 295 24.19 11.91 14.32
N ASN B 296 24.20 12.45 13.10
CA ASN B 296 25.15 12.06 12.06
C ASN B 296 25.40 13.30 11.19
N GLU B 297 26.01 14.33 11.78
CA GLU B 297 26.13 15.62 11.08
C GLU B 297 27.14 15.57 9.97
N HIS B 298 28.05 14.60 9.97
CA HIS B 298 28.92 14.41 8.82
C HIS B 298 28.16 13.92 7.57
N VAL B 299 26.88 13.59 7.71
CA VAL B 299 26.05 13.12 6.61
C VAL B 299 25.08 14.22 6.21
N SER B 300 25.21 14.67 4.96
CA SER B 300 24.36 15.68 4.34
C SER B 300 23.24 14.99 3.56
N LEU B 301 22.00 15.27 3.92
CA LEU B 301 20.87 14.53 3.35
C LEU B 301 20.10 15.44 2.41
N CYS B 302 19.88 14.98 1.19
CA CYS B 302 19.13 15.74 0.19
C CYS B 302 17.94 14.89 -0.28
N ILE B 303 16.74 15.44 -0.13
CA ILE B 303 15.51 14.73 -0.48
C ILE B 303 14.81 15.50 -1.60
N PHE B 304 14.57 14.82 -2.72
CA PHE B 304 13.70 15.32 -3.78
C PHE B 304 12.43 14.46 -3.76
N ALA B 305 11.27 15.10 -3.70
CA ALA B 305 10.00 14.39 -3.72
C ALA B 305 9.25 14.65 -5.03
N ALA B 306 8.65 13.60 -5.57
CA ALA B 306 7.77 13.73 -6.74
C ALA B 306 6.43 14.36 -6.35
N ARG B 307 5.91 14.03 -5.17
CA ARG B 307 4.62 14.51 -4.70
C ARG B 307 4.73 14.86 -3.23
N ILE B 308 3.88 15.78 -2.79
CA ILE B 308 3.78 16.08 -1.36
C ILE B 308 2.69 15.21 -0.75
N TYR B 309 3.02 14.50 0.32
CA TYR B 309 2.06 13.66 1.01
C TYR B 309 1.48 14.41 2.20
N ASP B 310 0.17 14.62 2.16
CA ASP B 310 -0.64 15.10 3.27
C ASP B 310 -1.00 13.88 4.11
N ASP B 311 -0.41 13.77 5.31
CA ASP B 311 -0.70 12.63 6.18
C ASP B 311 -1.91 12.87 7.06
N GLN B 312 -2.75 13.85 6.71
CA GLN B 312 -3.95 14.23 7.46
C GLN B 312 -3.62 14.72 8.87
N GLY B 313 -2.35 15.07 9.11
CA GLY B 313 -1.89 15.55 10.40
C GLY B 313 -0.81 16.61 10.31
N ARG B 314 0.35 16.32 10.91
CA ARG B 314 1.37 17.34 11.14
C ARG B 314 2.48 17.33 10.08
N TYR B 315 2.19 16.90 8.86
CA TYR B 315 3.26 16.76 7.87
C TYR B 315 3.95 18.08 7.58
N GLN B 316 3.25 19.21 7.70
CA GLN B 316 3.91 20.48 7.40
C GLN B 316 4.93 20.83 8.47
N GLU B 317 4.57 20.59 9.74
CA GLU B 317 5.53 20.70 10.83
C GLU B 317 6.72 19.77 10.62
N GLY B 318 6.46 18.57 10.10
CA GLY B 318 7.54 17.65 9.84
C GLY B 318 8.49 18.17 8.78
N LEU B 319 7.94 18.65 7.66
CA LEU B 319 8.81 19.17 6.61
C LEU B 319 9.62 20.36 7.11
N ARG B 320 9.00 21.23 7.89
CA ARG B 320 9.73 22.38 8.42
C ARG B 320 10.82 21.95 9.40
N THR B 321 10.51 21.00 10.27
CA THR B 321 11.51 20.49 11.22
C THR B 321 12.68 19.82 10.49
N LEU B 322 12.38 19.03 9.46
CA LEU B 322 13.42 18.41 8.66
C LEU B 322 14.28 19.46 7.94
N HIS B 323 13.65 20.54 7.46
CA HIS B 323 14.42 21.56 6.77
C HIS B 323 15.31 22.33 7.74
N ARG B 324 14.83 22.54 8.97
CA ARG B 324 15.56 23.37 9.91
C ARG B 324 16.79 22.66 10.48
N ASP B 325 16.75 21.32 10.57
CA ASP B 325 17.88 20.56 11.10
C ASP B 325 18.92 20.26 10.01
N GLY B 326 18.87 20.96 8.88
CA GLY B 326 19.69 20.65 7.74
C GLY B 326 18.79 20.08 6.67
N ALA B 327 19.31 19.20 5.82
CA ALA B 327 18.50 18.51 4.81
C ALA B 327 17.88 19.44 3.78
N LYS B 328 18.25 19.26 2.52
CA LYS B 328 17.60 19.97 1.44
C LYS B 328 16.38 19.17 1.00
N ILE B 329 15.23 19.81 0.96
CA ILE B 329 13.99 19.21 0.48
C ILE B 329 13.55 19.96 -0.78
N ALA B 330 13.24 19.22 -1.83
CA ALA B 330 12.83 19.86 -3.07
C ALA B 330 11.83 18.96 -3.78
N MET B 331 10.99 19.58 -4.60
CA MET B 331 10.15 18.81 -5.51
C MET B 331 10.95 18.42 -6.73
N MET B 332 10.63 17.25 -7.29
CA MET B 332 11.28 16.82 -8.51
C MET B 332 10.75 17.58 -9.71
N ASN B 333 11.65 18.15 -10.51
CA ASN B 333 11.31 18.72 -11.81
C ASN B 333 11.67 17.74 -12.91
N TYR B 334 11.47 18.19 -14.16
CA TYR B 334 11.76 17.36 -15.32
C TYR B 334 13.14 16.72 -15.23
N SER B 335 14.16 17.52 -14.90
CA SER B 335 15.54 17.05 -14.86
C SER B 335 15.75 15.94 -13.82
N GLU B 336 15.18 16.09 -12.63
CA GLU B 336 15.34 15.03 -11.64
C GLU B 336 14.62 13.75 -12.05
N PHE B 337 13.44 13.87 -12.66
CA PHE B 337 12.73 12.69 -13.15
C PHE B 337 13.55 11.96 -14.20
N GLU B 338 14.09 12.72 -15.16
CA GLU B 338 14.90 12.15 -16.21
C GLU B 338 16.18 11.51 -15.65
N TYR B 339 16.79 12.17 -14.67
CA TYR B 339 17.98 11.60 -14.05
C TYR B 339 17.64 10.27 -13.38
N CYS B 340 16.51 10.20 -12.68
CA CYS B 340 16.15 8.96 -12.00
C CYS B 340 15.90 7.87 -13.01
N TRP B 341 15.21 8.18 -14.09
CA TRP B 341 14.99 7.20 -15.14
C TRP B 341 16.32 6.70 -15.72
N ASP B 342 17.23 7.63 -16.02
CA ASP B 342 18.48 7.22 -16.65
C ASP B 342 19.32 6.38 -15.70
N THR B 343 19.26 6.68 -14.40
CA THR B 343 20.20 6.16 -13.42
C THR B 343 19.70 4.92 -12.68
N PHE B 344 18.41 4.79 -12.40
CA PHE B 344 17.92 3.72 -11.55
C PHE B 344 17.02 2.71 -12.25
N VAL B 345 16.68 2.93 -13.51
CA VAL B 345 15.67 2.16 -14.22
C VAL B 345 16.33 1.23 -15.22
N ASP B 346 15.80 0.00 -15.32
CA ASP B 346 16.28 -0.96 -16.30
C ASP B 346 15.64 -0.62 -17.65
N ARG B 347 16.12 0.50 -18.24
CA ARG B 347 15.45 1.10 -19.37
C ARG B 347 15.90 0.55 -20.71
N GLN B 348 17.04 -0.14 -20.75
CA GLN B 348 17.55 -0.76 -21.98
C GLN B 348 17.70 0.25 -23.11
N GLY B 349 18.27 1.41 -22.79
CA GLY B 349 18.54 2.41 -23.79
C GLY B 349 17.37 3.32 -24.14
N ARG B 350 16.15 3.04 -23.69
CA ARG B 350 15.04 3.89 -24.06
C ARG B 350 15.17 5.23 -23.31
N PRO B 351 14.77 6.33 -23.95
CA PRO B 351 14.89 7.64 -23.29
C PRO B 351 13.72 7.87 -22.34
N PHE B 352 13.93 8.84 -21.46
CA PHE B 352 12.86 9.33 -20.60
C PHE B 352 11.67 9.83 -21.41
N GLN B 353 10.49 9.44 -20.97
CA GLN B 353 9.25 9.90 -21.59
C GLN B 353 8.36 10.67 -20.62
N PRO B 354 8.38 11.99 -20.70
CA PRO B 354 7.57 12.82 -19.79
C PRO B 354 6.09 12.66 -20.08
N TRP B 355 5.29 12.85 -19.04
CA TRP B 355 3.83 12.80 -19.14
C TRP B 355 3.30 14.22 -19.24
N ASP B 356 2.05 14.35 -19.69
CA ASP B 356 1.49 15.68 -19.87
C ASP B 356 1.32 16.39 -18.53
N GLY B 357 1.68 17.67 -18.51
CA GLY B 357 1.57 18.50 -17.34
C GLY B 357 2.71 18.40 -16.34
N LEU B 358 3.73 17.58 -16.61
CA LEU B 358 4.83 17.38 -15.67
C LEU B 358 5.36 18.71 -15.13
N ASP B 359 5.66 19.64 -16.03
CA ASP B 359 6.28 20.90 -15.64
C ASP B 359 5.33 21.76 -14.82
N GLU B 360 4.05 21.80 -15.21
CA GLU B 360 3.06 22.60 -14.48
C GLU B 360 2.82 22.03 -13.08
N HIS B 361 2.72 20.71 -12.97
CA HIS B 361 2.54 20.13 -11.64
C HIS B 361 3.78 20.32 -10.78
N SER B 362 4.97 20.19 -11.39
CA SER B 362 6.21 20.49 -10.68
C SER B 362 6.21 21.92 -10.14
N GLN B 363 5.80 22.88 -10.98
CA GLN B 363 5.77 24.29 -10.58
C GLN B 363 4.78 24.52 -9.45
N ALA B 364 3.58 23.95 -9.57
CA ALA B 364 2.56 24.08 -8.53
C ALA B 364 3.03 23.45 -7.21
N LEU B 365 3.67 22.28 -7.29
CA LEU B 365 4.13 21.61 -6.07
C LEU B 365 5.31 22.36 -5.45
N SER B 366 6.21 22.89 -6.28
CA SER B 366 7.29 23.73 -5.76
C SER B 366 6.72 24.90 -4.99
N GLY B 367 5.68 25.55 -5.53
CA GLY B 367 5.04 26.63 -4.81
C GLY B 367 4.47 26.18 -3.47
N ARG B 368 3.76 25.04 -3.47
CA ARG B 368 3.18 24.56 -2.21
C ARG B 368 4.26 24.28 -1.19
N LEU B 369 5.39 23.72 -1.65
CA LEU B 369 6.48 23.40 -0.74
C LEU B 369 7.13 24.68 -0.21
N ARG B 370 7.38 25.65 -1.08
CA ARG B 370 7.93 26.90 -0.61
C ARG B 370 7.01 27.56 0.40
N ALA B 371 5.70 27.43 0.22
CA ALA B 371 4.75 27.99 1.18
C ALA B 371 4.80 27.21 2.49
N ILE B 372 5.06 25.91 2.44
CA ILE B 372 5.09 25.10 3.67
C ILE B 372 6.30 25.47 4.53
N LEU B 373 7.50 25.34 3.97
CA LEU B 373 8.67 26.09 4.42
C LEU B 373 8.29 27.58 4.42
N GLN B 374 9.07 28.44 5.09
CA GLN B 374 8.67 29.84 5.27
C GLN B 374 7.50 29.91 6.24
N ASN B 375 6.26 30.16 5.78
CA ASN B 375 5.06 29.80 6.55
C ASN B 375 3.70 30.20 5.96
N GLN B 376 2.67 29.97 6.79
CA GLN B 376 1.23 30.21 6.64
C GLN B 376 0.47 29.01 7.20
N GLY B 377 1.14 27.90 7.46
CA GLY B 377 0.46 26.71 8.00
C GLY B 377 1.33 25.54 8.41
ZN ZN C . -12.16 21.26 1.42
ZN ZN D . -5.13 -4.46 10.02
ZN ZN E . 12.52 -18.56 8.84
ZN ZN F . 5.87 8.08 6.81
#